data_7TYG
#
_entry.id   7TYG
#
_cell.length_a   91.350
_cell.length_b   102.880
_cell.length_c   120.830
_cell.angle_alpha   90.000
_cell.angle_beta   101.738
_cell.angle_gamma   90.000
#
_symmetry.space_group_name_H-M   'C 1 2 1'
#
loop_
_entity.id
_entity.type
_entity.pdbx_description
1 polymer 'Leucine-rich repeat protein SHOC-2'
2 non-polymer 'MAGNESIUM ION'
3 water water
#
_entity_poly.entity_id   1
_entity_poly.type   'polypeptide(L)'
_entity_poly.pdbx_seq_one_letter_code
;GPGTRKKSSNAEVIKELNKCREENSMRLDLSKRSIHILPSSIKELTQLTELYLYSNKLQSLPAEVGCLVNLMTLALSENS
LTSLPDSLDNLKKLRMLDLRHNKLREIPSVVYRLDSLTTLYLRFNRITTVEKDIKNLSKLSMLSIRENKIKQLPAEIGEL
CNLITLDVAHNQLEHLPKEIGNCTQITNLDLQHNELLDLPDTIGNLSSLSRLGLRYNRLSAIPRSLAKCSALEELNLENN
NISTLPESLLSSLVKLNSLTLARNCFQLYPVGGPSQFSTIYSLNMEHNRINKIPFGIFSRAKVLSKLNMKDNQLTSLPLD
FGTWTSMVELNLATNQLTKIPEDVSGLVSLEVLILSNNLLKKLPHGLGNLRKLRELDLEENKLESLPNEIAYLKDLQKLV
LTNNQLTTLPRGIGHLTNLTHLGLGENLLTHLPEEIGTLENLEELYLNDNPNLHSLPFELALCSKLSIMSIENCPLSHLP
PQIVAGGPSFIIQFLKMQGPYRAMV
;
_entity_poly.pdbx_strand_id   A,B
#
loop_
_chem_comp.id
_chem_comp.type
_chem_comp.name
_chem_comp.formula
MG non-polymer 'MAGNESIUM ION' 'Mg 2'
#
# COMPACT_ATOMS: atom_id res chain seq x y z
N SER A 9 28.20 -10.67 -27.87
CA SER A 9 29.39 -11.51 -27.97
C SER A 9 30.66 -10.69 -27.76
N ASN A 10 31.80 -11.37 -27.67
CA ASN A 10 33.07 -10.66 -27.53
C ASN A 10 33.30 -9.71 -28.70
N ALA A 11 32.90 -10.12 -29.91
CA ALA A 11 33.16 -9.31 -31.10
C ALA A 11 32.44 -7.97 -31.02
N GLU A 12 31.13 -7.99 -30.76
CA GLU A 12 30.38 -6.74 -30.71
C GLU A 12 30.85 -5.83 -29.59
N VAL A 13 31.44 -6.40 -28.54
CA VAL A 13 32.00 -5.58 -27.47
C VAL A 13 33.30 -4.93 -27.94
N ILE A 14 34.18 -5.74 -28.54
CA ILE A 14 35.42 -5.19 -29.09
C ILE A 14 35.12 -4.14 -30.15
N LYS A 15 34.09 -4.37 -30.97
CA LYS A 15 33.70 -3.37 -31.97
C LYS A 15 33.33 -2.05 -31.30
N GLU A 16 32.52 -2.11 -30.24
CA GLU A 16 32.13 -0.90 -29.54
C GLU A 16 33.33 -0.25 -28.87
N LEU A 17 34.26 -1.06 -28.35
CA LEU A 17 35.49 -0.51 -27.79
C LEU A 17 36.32 0.18 -28.86
N ASN A 18 36.47 -0.47 -30.02
CA ASN A 18 37.19 0.16 -31.12
C ASN A 18 36.48 1.43 -31.58
N LYS A 19 35.15 1.38 -31.66
CA LYS A 19 34.38 2.55 -32.07
C LYS A 19 34.55 3.69 -31.08
N CYS A 20 34.60 3.37 -29.77
CA CYS A 20 34.79 4.41 -28.77
C CYS A 20 36.15 5.08 -28.90
N ARG A 21 37.20 4.29 -29.12
CA ARG A 21 38.52 4.89 -29.25
C ARG A 21 38.69 5.58 -30.61
N GLU A 22 37.88 5.22 -31.60
CA GLU A 22 37.96 5.85 -32.92
C GLU A 22 37.20 7.18 -32.94
N GLU A 23 36.15 7.31 -32.14
CA GLU A 23 35.47 8.59 -31.95
C GLU A 23 36.12 9.43 -30.86
N ASN A 24 37.08 8.87 -30.11
CA ASN A 24 37.60 9.49 -28.89
C ASN A 24 36.48 9.91 -27.95
N SER A 25 35.44 9.08 -27.90
CA SER A 25 34.26 9.40 -27.11
C SER A 25 34.57 9.37 -25.63
N MET A 26 33.93 10.27 -24.88
CA MET A 26 34.14 10.33 -23.45
C MET A 26 33.13 9.49 -22.66
N ARG A 27 32.14 8.91 -23.33
CA ARG A 27 31.19 7.99 -22.70
C ARG A 27 31.24 6.64 -23.38
N LEU A 28 31.18 5.57 -22.59
CA LEU A 28 31.14 4.21 -23.09
C LEU A 28 29.96 3.49 -22.44
N ASP A 29 28.99 3.09 -23.24
CA ASP A 29 27.80 2.40 -22.75
C ASP A 29 27.88 0.94 -23.21
N LEU A 30 28.17 0.04 -22.28
CA LEU A 30 28.15 -1.39 -22.52
C LEU A 30 27.08 -2.07 -21.67
N SER A 31 26.06 -1.33 -21.30
CA SER A 31 25.02 -1.85 -20.44
C SER A 31 24.08 -2.76 -21.22
N LYS A 32 23.50 -3.73 -20.50
CA LYS A 32 22.43 -4.60 -21.02
C LYS A 32 22.92 -5.47 -22.18
N ARG A 33 24.15 -5.97 -22.10
CA ARG A 33 24.74 -6.76 -23.16
C ARG A 33 25.11 -8.17 -22.73
N SER A 34 24.66 -8.60 -21.55
CA SER A 34 24.90 -9.94 -21.02
C SER A 34 26.39 -10.28 -20.99
N ILE A 35 27.21 -9.29 -20.65
CA ILE A 35 28.66 -9.49 -20.60
C ILE A 35 29.03 -10.20 -19.31
N HIS A 36 29.81 -11.28 -19.44
CA HIS A 36 30.35 -11.99 -18.30
C HIS A 36 31.76 -11.52 -17.94
N ILE A 37 32.61 -11.30 -18.94
CA ILE A 37 33.96 -10.80 -18.72
C ILE A 37 34.20 -9.61 -19.64
N LEU A 38 34.70 -8.51 -19.07
CA LEU A 38 35.03 -7.30 -19.82
C LEU A 38 36.48 -7.35 -20.28
N PRO A 39 36.75 -7.13 -21.57
CA PRO A 39 38.12 -7.29 -22.08
C PRO A 39 39.10 -6.30 -21.44
N SER A 40 40.34 -6.77 -21.27
CA SER A 40 41.42 -5.93 -20.75
C SER A 40 41.64 -4.71 -21.63
N SER A 41 41.37 -4.82 -22.93
CA SER A 41 41.57 -3.74 -23.90
C SER A 41 40.91 -2.43 -23.49
N ILE A 42 39.98 -2.44 -22.53
CA ILE A 42 39.34 -1.19 -22.12
C ILE A 42 40.36 -0.23 -21.52
N LYS A 43 41.48 -0.74 -21.01
CA LYS A 43 42.51 0.14 -20.44
C LYS A 43 42.97 1.22 -21.42
N GLU A 44 42.92 0.94 -22.73
CA GLU A 44 43.41 1.90 -23.71
C GLU A 44 42.51 3.13 -23.83
N LEU A 45 41.29 3.07 -23.29
CA LEU A 45 40.29 4.13 -23.49
C LEU A 45 40.37 5.20 -22.41
N THR A 46 41.58 5.73 -22.17
CA THR A 46 41.86 6.61 -21.06
C THR A 46 41.14 7.96 -21.13
N GLN A 47 40.51 8.31 -22.25
CA GLN A 47 39.76 9.56 -22.29
C GLN A 47 38.37 9.44 -21.67
N LEU A 48 37.94 8.25 -21.27
CA LEU A 48 36.58 8.08 -20.77
C LEU A 48 36.35 8.85 -19.47
N THR A 49 35.26 9.60 -19.42
CA THR A 49 34.77 10.17 -18.16
C THR A 49 33.52 9.47 -17.62
N GLU A 50 32.80 8.71 -18.46
CA GLU A 50 31.62 7.97 -18.03
C GLU A 50 31.69 6.55 -18.58
N LEU A 51 31.50 5.57 -17.71
CA LEU A 51 31.52 4.16 -18.10
C LEU A 51 30.28 3.49 -17.55
N TYR A 52 29.46 2.92 -18.43
CA TYR A 52 28.21 2.28 -18.04
C TYR A 52 28.29 0.80 -18.32
N LEU A 53 28.22 0.00 -17.24
CA LEU A 53 28.36 -1.46 -17.30
C LEU A 53 27.19 -2.16 -16.62
N TYR A 54 26.10 -1.44 -16.35
CA TYR A 54 25.00 -1.97 -15.57
C TYR A 54 24.20 -3.02 -16.34
N SER A 55 23.49 -3.86 -15.59
CA SER A 55 22.67 -4.95 -16.13
C SER A 55 23.46 -5.84 -17.08
N ASN A 56 24.51 -6.46 -16.53
CA ASN A 56 25.31 -7.43 -17.26
C ASN A 56 25.46 -8.65 -16.35
N LYS A 57 26.44 -9.51 -16.65
CA LYS A 57 26.72 -10.70 -15.86
C LYS A 57 28.12 -10.66 -15.26
N LEU A 58 28.61 -9.47 -14.91
CA LEU A 58 29.99 -9.34 -14.45
C LEU A 58 30.15 -9.95 -13.06
N GLN A 59 31.11 -10.87 -12.92
CA GLN A 59 31.48 -11.34 -11.59
C GLN A 59 32.71 -10.62 -11.04
N SER A 60 33.42 -9.89 -11.88
CA SER A 60 34.57 -9.10 -11.44
C SER A 60 34.75 -7.95 -12.40
N LEU A 61 35.29 -6.88 -11.88
CA LEU A 61 35.73 -5.76 -12.69
C LEU A 61 37.23 -5.89 -12.92
N PRO A 62 37.70 -5.89 -14.15
CA PRO A 62 39.12 -6.14 -14.39
C PRO A 62 39.99 -5.03 -13.81
N ALA A 63 41.17 -5.42 -13.32
CA ALA A 63 42.08 -4.46 -12.71
C ALA A 63 42.41 -3.31 -13.65
N GLU A 64 42.26 -3.54 -14.95
CA GLU A 64 42.60 -2.54 -15.96
C GLU A 64 41.67 -1.33 -15.92
N VAL A 65 40.48 -1.44 -15.33
CA VAL A 65 39.61 -0.28 -15.20
C VAL A 65 40.31 0.83 -14.43
N GLY A 66 41.27 0.47 -13.57
CA GLY A 66 42.10 1.43 -12.87
C GLY A 66 42.93 2.34 -13.76
N CYS A 67 43.06 2.00 -15.04
CA CYS A 67 43.77 2.86 -15.98
C CYS A 67 42.91 4.02 -16.48
N LEU A 68 41.60 3.99 -16.25
CA LEU A 68 40.68 5.01 -16.74
C LEU A 68 40.65 6.18 -15.73
N VAL A 69 41.81 6.83 -15.61
CA VAL A 69 42.06 7.79 -14.55
C VAL A 69 41.19 9.03 -14.65
N ASN A 70 40.48 9.25 -15.75
CA ASN A 70 39.61 10.41 -15.90
C ASN A 70 38.13 10.09 -15.63
N LEU A 71 37.80 8.89 -15.15
CA LEU A 71 36.40 8.55 -14.92
C LEU A 71 35.79 9.40 -13.82
N MET A 72 34.62 9.97 -14.10
CA MET A 72 33.81 10.61 -13.07
C MET A 72 32.58 9.80 -12.71
N THR A 73 32.14 8.88 -13.57
CA THR A 73 30.94 8.08 -13.34
C THR A 73 31.25 6.63 -13.67
N LEU A 74 31.03 5.75 -12.71
CA LEU A 74 31.19 4.30 -12.92
C LEU A 74 29.88 3.64 -12.48
N ALA A 75 29.07 3.22 -13.46
CA ALA A 75 27.75 2.66 -13.18
C ALA A 75 27.84 1.15 -13.35
N LEU A 76 27.69 0.41 -12.24
CA LEU A 76 27.89 -1.03 -12.20
C LEU A 76 26.69 -1.80 -11.67
N SER A 77 25.53 -1.18 -11.57
CA SER A 77 24.39 -1.82 -10.93
C SER A 77 23.94 -3.06 -11.71
N GLU A 78 23.30 -3.97 -10.99
CA GLU A 78 22.74 -5.20 -11.56
C GLU A 78 23.82 -6.03 -12.27
N ASN A 79 24.84 -6.37 -11.50
CA ASN A 79 25.83 -7.37 -11.89
C ASN A 79 25.94 -8.37 -10.74
N SER A 80 27.03 -9.13 -10.71
CA SER A 80 27.26 -10.14 -9.68
C SER A 80 28.57 -9.89 -8.94
N LEU A 81 28.93 -8.62 -8.79
CA LEU A 81 30.21 -8.27 -8.19
C LEU A 81 30.24 -8.62 -6.70
N THR A 82 31.38 -9.13 -6.25
CA THR A 82 31.61 -9.35 -4.83
C THR A 82 32.75 -8.51 -4.27
N SER A 83 33.47 -7.78 -5.11
CA SER A 83 34.58 -6.94 -4.68
C SER A 83 34.90 -6.00 -5.82
N LEU A 84 35.92 -5.16 -5.60
CA LEU A 84 36.44 -4.25 -6.60
C LEU A 84 37.95 -4.24 -6.50
N PRO A 85 38.65 -4.08 -7.62
CA PRO A 85 40.11 -4.12 -7.58
C PRO A 85 40.70 -2.89 -6.89
N ASP A 86 41.83 -3.11 -6.20
CA ASP A 86 42.52 -2.01 -5.55
C ASP A 86 43.02 -0.97 -6.53
N SER A 87 43.08 -1.29 -7.82
CA SER A 87 43.56 -0.34 -8.80
C SER A 87 42.61 0.84 -8.98
N LEU A 88 41.39 0.76 -8.43
CA LEU A 88 40.49 1.90 -8.55
C LEU A 88 40.97 3.10 -7.73
N ASP A 89 41.93 2.89 -6.85
CA ASP A 89 42.68 3.96 -6.19
C ASP A 89 43.11 5.03 -7.19
N ASN A 90 43.48 4.60 -8.41
CA ASN A 90 43.94 5.53 -9.43
C ASN A 90 42.84 6.44 -9.94
N LEU A 91 41.59 6.19 -9.59
CA LEU A 91 40.45 6.96 -10.09
C LEU A 91 40.21 8.16 -9.18
N LYS A 92 41.15 9.11 -9.25
CA LYS A 92 41.18 10.21 -8.29
C LYS A 92 40.12 11.26 -8.56
N LYS A 93 39.35 11.16 -9.64
CA LYS A 93 38.28 12.10 -9.95
C LYS A 93 36.89 11.49 -9.84
N LEU A 94 36.77 10.21 -9.49
CA LEU A 94 35.47 9.56 -9.54
C LEU A 94 34.49 10.23 -8.57
N ARG A 95 33.33 10.63 -9.09
CA ARG A 95 32.30 11.27 -8.29
C ARG A 95 31.13 10.36 -7.96
N MET A 96 30.76 9.46 -8.86
CA MET A 96 29.57 8.66 -8.68
C MET A 96 29.91 7.21 -8.93
N LEU A 97 29.51 6.35 -8.00
CA LEU A 97 29.79 4.92 -8.08
C LEU A 97 28.49 4.20 -7.76
N ASP A 98 27.94 3.51 -8.76
CA ASP A 98 26.65 2.84 -8.66
C ASP A 98 26.90 1.34 -8.54
N LEU A 99 26.68 0.80 -7.34
CA LEU A 99 26.89 -0.62 -7.08
C LEU A 99 25.60 -1.33 -6.67
N ARG A 100 24.45 -0.74 -6.91
CA ARG A 100 23.27 -1.42 -6.38
C ARG A 100 23.04 -2.74 -7.13
N HIS A 101 22.35 -3.65 -6.43
CA HIS A 101 21.96 -4.96 -6.95
C HIS A 101 23.19 -5.73 -7.43
N ASN A 102 24.17 -5.88 -6.54
CA ASN A 102 25.25 -6.83 -6.77
C ASN A 102 25.28 -7.86 -5.65
N LYS A 103 26.43 -8.41 -5.35
CA LYS A 103 26.57 -9.46 -4.35
C LYS A 103 27.60 -9.07 -3.29
N LEU A 104 27.68 -7.79 -2.95
CA LEU A 104 28.68 -7.35 -1.99
C LEU A 104 28.31 -7.78 -0.59
N ARG A 105 29.24 -8.44 0.10
CA ARG A 105 29.10 -8.77 1.52
C ARG A 105 29.74 -7.71 2.42
N GLU A 106 30.54 -6.82 1.84
CA GLU A 106 31.14 -5.70 2.55
C GLU A 106 31.27 -4.58 1.55
N ILE A 107 31.56 -3.38 2.04
CA ILE A 107 32.01 -2.33 1.13
C ILE A 107 33.45 -2.67 0.78
N PRO A 108 33.80 -2.84 -0.50
CA PRO A 108 35.19 -3.20 -0.83
C PRO A 108 36.15 -2.16 -0.28
N SER A 109 37.30 -2.64 0.22
CA SER A 109 38.20 -1.74 0.94
C SER A 109 38.66 -0.58 0.07
N VAL A 110 38.77 -0.79 -1.24
CA VAL A 110 39.20 0.30 -2.12
C VAL A 110 38.19 1.45 -2.13
N VAL A 111 36.90 1.15 -1.94
CA VAL A 111 35.88 2.19 -1.99
C VAL A 111 36.11 3.21 -0.88
N TYR A 112 36.51 2.73 0.30
CA TYR A 112 36.82 3.65 1.39
C TYR A 112 37.98 4.58 1.07
N ARG A 113 38.69 4.35 -0.05
CA ARG A 113 39.83 5.19 -0.41
C ARG A 113 39.50 6.14 -1.55
N LEU A 114 38.27 6.11 -2.07
CA LEU A 114 37.88 6.93 -3.21
C LEU A 114 37.27 8.24 -2.71
N ASP A 115 38.13 9.08 -2.15
CA ASP A 115 37.68 10.24 -1.38
C ASP A 115 37.13 11.36 -2.25
N SER A 116 37.19 11.25 -3.57
CA SER A 116 36.50 12.20 -4.43
C SER A 116 35.01 11.92 -4.56
N LEU A 117 34.52 10.78 -4.06
CA LEU A 117 33.13 10.41 -4.30
C LEU A 117 32.16 11.39 -3.66
N THR A 118 31.15 11.76 -4.42
CA THR A 118 30.00 12.50 -3.90
C THR A 118 28.74 11.67 -3.86
N THR A 119 28.69 10.56 -4.59
CA THR A 119 27.48 9.78 -4.77
C THR A 119 27.83 8.30 -4.76
N LEU A 120 27.30 7.57 -3.80
CA LEU A 120 27.60 6.15 -3.61
C LEU A 120 26.28 5.39 -3.40
N TYR A 121 25.94 4.51 -4.34
CA TYR A 121 24.69 3.75 -4.32
C TYR A 121 25.02 2.30 -4.03
N LEU A 122 24.40 1.74 -2.98
CA LEU A 122 24.70 0.37 -2.60
C LEU A 122 23.45 -0.43 -2.27
N ARG A 123 22.28 -0.03 -2.78
CA ARG A 123 21.03 -0.73 -2.53
C ARG A 123 21.09 -2.21 -2.90
N PHE A 124 20.57 -3.04 -2.00
CA PHE A 124 20.30 -4.44 -2.26
C PHE A 124 21.58 -5.20 -2.57
N ASN A 125 22.53 -5.08 -1.66
CA ASN A 125 23.61 -6.04 -1.56
C ASN A 125 23.40 -6.85 -0.27
N ARG A 126 24.49 -7.41 0.26
CA ARG A 126 24.46 -8.20 1.49
C ARG A 126 25.42 -7.64 2.54
N ILE A 127 25.59 -6.32 2.57
CA ILE A 127 26.61 -5.68 3.39
C ILE A 127 26.20 -5.71 4.86
N THR A 128 27.12 -6.15 5.74
CA THR A 128 26.82 -6.19 7.16
C THR A 128 27.43 -5.03 7.94
N THR A 129 28.47 -4.40 7.43
CA THR A 129 29.26 -3.48 8.25
C THR A 129 29.59 -2.23 7.45
N VAL A 130 29.51 -1.08 8.10
CA VAL A 130 30.05 0.16 7.56
C VAL A 130 31.27 0.50 8.43
N GLU A 131 32.46 0.38 7.85
CA GLU A 131 33.66 0.52 8.65
C GLU A 131 33.88 1.96 9.06
N LYS A 132 34.69 2.14 10.11
CA LYS A 132 34.99 3.50 10.57
C LYS A 132 35.58 4.35 9.47
N ASP A 133 36.23 3.71 8.50
CA ASP A 133 36.91 4.42 7.43
C ASP A 133 35.96 5.11 6.46
N ILE A 134 34.64 4.92 6.61
CA ILE A 134 33.66 5.72 5.88
C ILE A 134 33.94 7.21 6.02
N LYS A 135 34.56 7.62 7.15
CA LYS A 135 34.89 9.03 7.35
C LYS A 135 35.75 9.59 6.22
N ASN A 136 36.51 8.74 5.52
CA ASN A 136 37.38 9.20 4.43
C ASN A 136 36.59 9.84 3.29
N LEU A 137 35.34 9.46 3.11
CA LEU A 137 34.50 9.93 1.99
C LEU A 137 33.69 11.17 2.35
N SER A 138 34.39 12.21 2.82
CA SER A 138 33.69 13.36 3.37
C SER A 138 33.03 14.23 2.32
N LYS A 139 33.28 13.98 1.02
CA LYS A 139 32.56 14.68 -0.03
C LYS A 139 31.20 14.07 -0.35
N LEU A 140 30.84 12.95 0.27
CA LEU A 140 29.57 12.29 -0.06
C LEU A 140 28.40 13.22 0.25
N SER A 141 27.56 13.45 -0.75
CA SER A 141 26.27 14.11 -0.54
C SER A 141 25.10 13.16 -0.66
N MET A 142 25.28 12.02 -1.34
CA MET A 142 24.27 10.98 -1.46
C MET A 142 24.91 9.65 -1.07
N LEU A 143 24.39 9.02 -0.01
CA LEU A 143 24.84 7.70 0.41
C LEU A 143 23.61 6.83 0.62
N SER A 144 23.46 5.80 -0.20
CA SER A 144 22.33 4.89 -0.10
C SER A 144 22.86 3.49 0.16
N ILE A 145 22.53 2.96 1.34
CA ILE A 145 22.90 1.59 1.71
C ILE A 145 21.62 0.83 2.06
N ARG A 146 20.49 1.23 1.47
CA ARG A 146 19.22 0.56 1.74
C ARG A 146 19.25 -0.91 1.34
N GLU A 147 18.41 -1.71 2.02
CA GLU A 147 18.21 -3.12 1.70
C GLU A 147 19.52 -3.92 1.81
N ASN A 148 20.23 -3.71 2.92
CA ASN A 148 21.37 -4.55 3.24
C ASN A 148 21.15 -5.19 4.61
N LYS A 149 22.22 -5.51 5.33
CA LYS A 149 22.10 -6.24 6.61
C LYS A 149 22.87 -5.54 7.70
N ILE A 150 22.83 -4.21 7.70
CA ILE A 150 23.66 -3.41 8.60
C ILE A 150 22.97 -3.31 9.96
N LYS A 151 23.70 -3.67 11.02
CA LYS A 151 23.15 -3.60 12.37
C LYS A 151 23.48 -2.30 13.09
N GLN A 152 24.51 -1.59 12.65
CA GLN A 152 25.00 -0.43 13.37
C GLN A 152 25.75 0.47 12.39
N LEU A 153 25.65 1.78 12.61
CA LEU A 153 26.50 2.73 11.93
C LEU A 153 27.58 3.25 12.88
N PRO A 154 28.79 3.50 12.41
CA PRO A 154 29.83 4.03 13.28
C PRO A 154 29.60 5.51 13.58
N ALA A 155 30.17 5.94 14.71
CA ALA A 155 30.15 7.36 15.05
C ALA A 155 30.75 8.21 13.92
N GLU A 156 31.66 7.63 13.13
CA GLU A 156 32.29 8.35 12.02
C GLU A 156 31.32 8.82 10.95
N ILE A 157 30.07 8.32 10.93
CA ILE A 157 29.08 8.87 10.00
C ILE A 157 28.94 10.38 10.20
N GLY A 158 29.23 10.88 11.41
CA GLY A 158 29.17 12.30 11.71
C GLY A 158 30.25 13.13 11.04
N GLU A 159 31.27 12.51 10.47
CA GLU A 159 32.25 13.25 9.69
C GLU A 159 31.84 13.41 8.22
N LEU A 160 30.65 12.92 7.85
CA LEU A 160 30.12 13.13 6.50
C LEU A 160 29.21 14.37 6.52
N CYS A 161 29.85 15.52 6.74
CA CYS A 161 29.12 16.76 6.96
C CYS A 161 28.47 17.30 5.68
N ASN A 162 28.75 16.72 4.51
CA ASN A 162 28.14 17.16 3.27
C ASN A 162 26.92 16.33 2.87
N LEU A 163 26.54 15.33 3.67
CA LEU A 163 25.40 14.49 3.33
C LEU A 163 24.13 15.30 3.15
N ILE A 164 23.44 15.07 2.02
CA ILE A 164 22.11 15.60 1.79
C ILE A 164 21.06 14.51 1.91
N THR A 165 21.33 13.33 1.34
CA THR A 165 20.46 12.16 1.42
C THR A 165 21.23 10.99 2.02
N LEU A 166 20.65 10.37 3.04
CA LEU A 166 21.19 9.14 3.64
C LEU A 166 20.05 8.14 3.71
N ASP A 167 20.15 7.06 2.95
CA ASP A 167 19.10 6.04 2.89
C ASP A 167 19.65 4.74 3.47
N VAL A 168 19.14 4.37 4.65
CA VAL A 168 19.52 3.11 5.29
C VAL A 168 18.28 2.27 5.58
N ALA A 169 17.22 2.51 4.80
CA ALA A 169 15.99 1.73 4.93
C ALA A 169 16.25 0.25 4.71
N HIS A 170 15.45 -0.59 5.38
CA HIS A 170 15.52 -2.05 5.25
C HIS A 170 16.90 -2.58 5.68
N ASN A 171 17.29 -2.22 6.88
CA ASN A 171 18.50 -2.78 7.48
C ASN A 171 18.10 -3.30 8.86
N GLN A 172 19.07 -3.47 9.76
CA GLN A 172 18.82 -4.05 11.08
C GLN A 172 19.24 -3.11 12.18
N LEU A 173 19.13 -1.79 11.96
CA LEU A 173 19.58 -0.81 12.94
C LEU A 173 18.72 -0.83 14.17
N GLU A 174 19.37 -0.87 15.34
CA GLU A 174 18.66 -0.72 16.59
C GLU A 174 18.78 0.68 17.17
N HIS A 175 19.86 1.40 16.84
CA HIS A 175 20.02 2.79 17.24
C HIS A 175 20.73 3.52 16.11
N LEU A 176 20.70 4.85 16.17
CA LEU A 176 21.50 5.75 15.35
C LEU A 176 22.58 6.40 16.22
N PRO A 177 23.82 6.53 15.73
CA PRO A 177 24.81 7.26 16.51
C PRO A 177 24.39 8.71 16.69
N LYS A 178 24.62 9.25 17.89
CA LYS A 178 24.27 10.66 18.12
C LYS A 178 25.01 11.60 17.17
N GLU A 179 26.17 11.17 16.64
CA GLU A 179 26.95 12.00 15.72
C GLU A 179 26.26 12.23 14.38
N ILE A 180 25.12 11.57 14.12
CA ILE A 180 24.37 11.87 12.92
C ILE A 180 23.96 13.33 12.92
N GLY A 181 23.81 13.92 14.10
CA GLY A 181 23.46 15.32 14.23
C GLY A 181 24.51 16.29 13.74
N ASN A 182 25.72 15.81 13.42
CA ASN A 182 26.68 16.69 12.75
C ASN A 182 26.42 16.80 11.25
N CYS A 183 25.55 15.95 10.68
CA CYS A 183 25.28 15.97 9.25
C CYS A 183 24.16 16.97 8.95
N THR A 184 24.50 18.25 9.13
CA THR A 184 23.50 19.31 9.22
C THR A 184 22.83 19.62 7.88
N GLN A 185 23.34 19.12 6.76
CA GLN A 185 22.73 19.43 5.48
C GLN A 185 21.75 18.36 4.99
N ILE A 186 21.47 17.33 5.79
CA ILE A 186 20.58 16.27 5.34
C ILE A 186 19.15 16.80 5.19
N THR A 187 18.58 16.61 4.02
CA THR A 187 17.15 16.87 3.85
C THR A 187 16.32 15.60 3.81
N ASN A 188 16.91 14.47 3.45
CA ASN A 188 16.20 13.21 3.28
C ASN A 188 16.96 12.13 4.04
N LEU A 189 16.37 11.65 5.12
CA LEU A 189 16.97 10.62 5.97
C LEU A 189 15.96 9.49 6.05
N ASP A 190 16.26 8.35 5.41
CA ASP A 190 15.31 7.25 5.38
C ASP A 190 15.82 6.12 6.27
N LEU A 191 15.08 5.84 7.35
CA LEU A 191 15.38 4.78 8.30
C LEU A 191 14.25 3.75 8.39
N GLN A 192 13.34 3.74 7.42
CA GLN A 192 12.18 2.87 7.57
C GLN A 192 12.57 1.40 7.45
N HIS A 193 11.76 0.53 8.05
CA HIS A 193 12.01 -0.90 8.05
C HIS A 193 13.37 -1.26 8.65
N ASN A 194 13.68 -0.66 9.78
CA ASN A 194 14.78 -1.12 10.60
C ASN A 194 14.21 -1.71 11.91
N GLU A 195 14.99 -1.66 12.99
CA GLU A 195 14.59 -2.20 14.29
C GLU A 195 14.88 -1.18 15.38
N LEU A 196 14.73 0.11 15.05
CA LEU A 196 15.21 1.20 15.88
C LEU A 196 14.39 1.27 17.15
N LEU A 197 15.08 1.19 18.29
CA LEU A 197 14.42 1.32 19.58
C LEU A 197 14.21 2.76 19.98
N ASP A 198 15.06 3.66 19.49
CA ASP A 198 14.95 5.08 19.81
C ASP A 198 15.67 5.87 18.73
N LEU A 199 15.56 7.19 18.82
CA LEU A 199 16.29 8.16 18.01
C LEU A 199 17.12 9.04 18.93
N PRO A 200 18.28 9.51 18.46
CA PRO A 200 19.11 10.37 19.30
C PRO A 200 18.50 11.76 19.44
N ASP A 201 18.77 12.40 20.60
CA ASP A 201 18.25 13.75 20.82
C ASP A 201 18.82 14.74 19.82
N THR A 202 20.00 14.46 19.27
CA THR A 202 20.63 15.32 18.27
C THR A 202 19.91 15.31 16.93
N ILE A 203 18.87 14.50 16.74
CA ILE A 203 18.15 14.51 15.47
C ILE A 203 17.67 15.92 15.16
N GLY A 204 17.33 16.71 16.19
CA GLY A 204 16.87 18.06 15.99
C GLY A 204 17.90 18.98 15.37
N ASN A 205 19.18 18.60 15.39
CA ASN A 205 20.21 19.36 14.69
C ASN A 205 20.01 19.37 13.19
N LEU A 206 19.18 18.46 12.65
CA LEU A 206 18.96 18.36 11.22
C LEU A 206 17.84 19.32 10.81
N SER A 207 18.19 20.61 10.82
CA SER A 207 17.16 21.63 10.67
C SER A 207 16.65 21.74 9.23
N SER A 208 17.35 21.17 8.26
CA SER A 208 16.90 21.16 6.88
C SER A 208 16.14 19.90 6.49
N LEU A 209 15.90 18.99 7.44
CA LEU A 209 15.20 17.75 7.15
C LEU A 209 13.79 18.01 6.62
N SER A 210 13.48 17.48 5.44
CA SER A 210 12.13 17.58 4.90
C SER A 210 11.46 16.23 4.71
N ARG A 211 12.23 15.14 4.65
CA ARG A 211 11.68 13.78 4.55
C ARG A 211 12.41 12.91 5.57
N LEU A 212 11.66 12.25 6.44
CA LEU A 212 12.23 11.44 7.50
C LEU A 212 11.48 10.11 7.51
N GLY A 213 12.16 9.04 7.11
CA GLY A 213 11.49 7.75 7.05
C GLY A 213 11.62 7.01 8.36
N LEU A 214 10.50 6.76 9.06
CA LEU A 214 10.51 6.10 10.36
C LEU A 214 9.55 4.92 10.49
N ARG A 215 8.66 4.69 9.51
CA ARG A 215 7.69 3.62 9.62
C ARG A 215 8.39 2.26 9.69
N TYR A 216 7.75 1.32 10.37
CA TYR A 216 8.27 -0.03 10.59
C TYR A 216 9.63 0.02 11.30
N ASN A 217 9.57 0.44 12.56
CA ASN A 217 10.70 0.31 13.47
C ASN A 217 10.19 -0.25 14.78
N ARG A 218 10.91 0.00 15.87
CA ARG A 218 10.50 -0.47 17.19
C ARG A 218 10.51 0.67 18.19
N LEU A 219 10.14 1.87 17.74
CA LEU A 219 10.28 3.09 18.54
C LEU A 219 9.19 3.18 19.60
N SER A 220 9.56 3.63 20.80
CA SER A 220 8.57 3.89 21.84
C SER A 220 8.28 5.36 22.04
N ALA A 221 9.07 6.25 21.43
CA ALA A 221 8.93 7.69 21.64
C ALA A 221 9.67 8.42 20.52
N ILE A 222 9.30 9.68 20.33
CA ILE A 222 9.92 10.60 19.38
C ILE A 222 10.62 11.69 20.19
N PRO A 223 11.87 12.04 19.87
CA PRO A 223 12.56 13.10 20.62
C PRO A 223 11.85 14.45 20.49
N ARG A 224 11.76 15.18 21.61
CA ARG A 224 11.17 16.50 21.58
C ARG A 224 11.90 17.41 20.59
N SER A 225 13.19 17.21 20.41
CA SER A 225 13.98 18.04 19.50
C SER A 225 13.54 17.92 18.04
N LEU A 226 12.77 16.88 17.68
CA LEU A 226 12.27 16.81 16.31
C LEU A 226 11.44 18.04 15.95
N ALA A 227 10.93 18.77 16.95
CA ALA A 227 10.19 20.00 16.66
C ALA A 227 11.05 21.06 15.98
N LYS A 228 12.38 20.96 16.08
CA LYS A 228 13.24 21.90 15.35
C LYS A 228 13.31 21.60 13.86
N CYS A 229 12.88 20.41 13.43
CA CYS A 229 12.88 20.06 12.02
C CYS A 229 11.62 20.57 11.32
N SER A 230 11.50 21.91 11.29
CA SER A 230 10.26 22.55 10.88
C SER A 230 9.99 22.45 9.39
N ALA A 231 10.93 21.93 8.59
CA ALA A 231 10.71 21.75 7.16
C ALA A 231 10.11 20.39 6.81
N LEU A 232 9.79 19.56 7.81
CA LEU A 232 9.19 18.25 7.53
C LEU A 232 7.86 18.42 6.80
N GLU A 233 7.71 17.70 5.69
CA GLU A 233 6.49 17.78 4.88
C GLU A 233 5.52 16.63 5.13
N GLU A 234 5.98 15.55 5.75
CA GLU A 234 5.15 14.42 6.15
C GLU A 234 5.75 13.86 7.43
N LEU A 235 4.91 13.24 8.26
CA LEU A 235 5.43 12.51 9.41
C LEU A 235 4.66 11.19 9.46
N ASN A 236 5.30 10.12 9.01
CA ASN A 236 4.70 8.80 8.95
C ASN A 236 5.43 7.90 9.95
N LEU A 237 4.75 7.57 11.05
CA LEU A 237 5.29 6.76 12.13
C LEU A 237 4.68 5.37 12.18
N GLU A 238 4.05 4.96 11.08
CA GLU A 238 3.28 3.72 11.03
C GLU A 238 4.09 2.51 11.50
N ASN A 239 3.46 1.69 12.35
CA ASN A 239 4.01 0.43 12.85
C ASN A 239 5.21 0.61 13.77
N ASN A 240 4.95 1.18 14.94
CA ASN A 240 5.95 1.35 16.00
C ASN A 240 5.23 1.08 17.31
N ASN A 241 5.82 1.54 18.43
CA ASN A 241 5.28 1.34 19.78
C ASN A 241 4.99 2.68 20.44
N ILE A 242 4.59 3.67 19.65
CA ILE A 242 4.41 5.04 20.11
C ILE A 242 2.99 5.20 20.66
N SER A 243 2.86 5.91 21.78
CA SER A 243 1.55 6.21 22.35
C SER A 243 1.35 7.68 22.68
N THR A 244 2.39 8.51 22.52
CA THR A 244 2.29 9.95 22.75
C THR A 244 3.21 10.65 21.77
N LEU A 245 3.02 11.95 21.65
CA LEU A 245 3.98 12.77 20.93
C LEU A 245 4.53 13.84 21.87
N PRO A 246 5.77 14.25 21.68
CA PRO A 246 6.37 15.23 22.61
C PRO A 246 5.72 16.60 22.47
N GLU A 247 5.92 17.40 23.51
CA GLU A 247 5.30 18.71 23.63
C GLU A 247 5.55 19.58 22.40
N SER A 248 4.46 20.11 21.85
CA SER A 248 4.46 21.11 20.78
C SER A 248 5.08 20.59 19.47
N LEU A 249 5.24 19.28 19.32
CA LEU A 249 5.82 18.76 18.08
C LEU A 249 5.01 19.18 16.86
N LEU A 250 3.73 18.81 16.82
CA LEU A 250 3.00 18.95 15.58
C LEU A 250 2.73 20.40 15.23
N SER A 251 2.46 21.25 16.23
CA SER A 251 2.27 22.66 15.89
C SER A 251 3.55 23.30 15.38
N SER A 252 4.72 22.75 15.72
CA SER A 252 5.98 23.28 15.20
C SER A 252 6.26 22.88 13.76
N LEU A 253 5.69 21.76 13.29
CA LEU A 253 5.91 21.31 11.92
C LEU A 253 5.00 22.09 10.98
N VAL A 254 5.41 23.33 10.68
CA VAL A 254 4.55 24.26 9.97
C VAL A 254 4.35 23.93 8.50
N LYS A 255 5.09 22.97 7.96
CA LYS A 255 4.91 22.56 6.56
C LYS A 255 4.37 21.14 6.42
N LEU A 256 3.86 20.57 7.50
CA LEU A 256 3.36 19.20 7.49
C LEU A 256 2.10 19.08 6.63
N ASN A 257 2.18 18.26 5.58
CA ASN A 257 1.04 17.99 4.69
C ASN A 257 0.22 16.77 5.10
N SER A 258 0.82 15.83 5.82
CA SER A 258 0.09 14.64 6.25
C SER A 258 0.74 14.05 7.48
N LEU A 259 -0.07 13.36 8.27
CA LEU A 259 0.38 12.73 9.51
C LEU A 259 -0.16 11.31 9.56
N THR A 260 0.72 10.35 9.83
CA THR A 260 0.30 8.95 9.96
C THR A 260 0.78 8.40 11.29
N LEU A 261 -0.17 8.03 12.13
CA LEU A 261 0.09 7.39 13.41
C LEU A 261 -0.44 5.97 13.42
N ALA A 262 -0.83 5.44 12.26
CA ALA A 262 -1.38 4.10 12.16
C ALA A 262 -0.47 3.05 12.80
N ARG A 263 -1.09 1.99 13.30
CA ARG A 263 -0.39 0.81 13.83
C ARG A 263 0.60 1.20 14.93
N ASN A 264 0.05 1.83 15.96
CA ASN A 264 0.83 2.21 17.13
C ASN A 264 0.01 1.86 18.37
N CYS A 265 0.29 2.52 19.49
CA CYS A 265 -0.34 2.21 20.76
C CYS A 265 -1.02 3.41 21.37
N PHE A 266 -1.51 4.32 20.53
CA PHE A 266 -2.22 5.49 21.04
C PHE A 266 -3.53 5.08 21.68
N GLN A 267 -3.79 5.59 22.88
CA GLN A 267 -5.12 5.51 23.47
C GLN A 267 -5.87 6.83 23.41
N LEU A 268 -5.15 7.94 23.25
CA LEU A 268 -5.75 9.26 23.12
C LEU A 268 -5.04 10.00 22.00
N TYR A 269 -5.68 11.07 21.51
CA TYR A 269 -5.00 11.93 20.56
C TYR A 269 -3.77 12.55 21.21
N PRO A 270 -2.74 12.90 20.43
CA PRO A 270 -1.59 13.59 21.01
C PRO A 270 -2.00 14.91 21.65
N VAL A 271 -1.33 15.25 22.73
CA VAL A 271 -1.68 16.43 23.52
C VAL A 271 -1.19 17.68 22.79
N GLY A 272 -1.94 18.76 22.90
CA GLY A 272 -1.53 19.99 22.28
C GLY A 272 -2.66 20.77 21.63
N GLY A 273 -3.83 20.16 21.54
CA GLY A 273 -5.02 20.87 21.10
C GLY A 273 -5.08 21.08 19.60
N PRO A 274 -5.97 21.99 19.17
CA PRO A 274 -6.28 22.09 17.74
C PRO A 274 -5.14 22.65 16.89
N SER A 275 -4.16 23.32 17.47
CA SER A 275 -3.10 23.91 16.64
C SER A 275 -2.18 22.87 16.02
N GLN A 276 -2.15 21.64 16.55
CA GLN A 276 -1.29 20.66 15.90
C GLN A 276 -1.83 20.20 14.54
N PHE A 277 -3.07 20.51 14.18
CA PHE A 277 -3.66 19.99 12.94
C PHE A 277 -4.03 21.08 11.94
N SER A 278 -3.41 22.26 12.02
CA SER A 278 -3.84 23.35 11.14
C SER A 278 -3.26 23.27 9.73
N THR A 279 -2.28 22.39 9.47
CA THR A 279 -1.65 22.33 8.15
C THR A 279 -1.86 21.03 7.38
N ILE A 280 -2.27 19.93 8.02
CA ILE A 280 -2.28 18.65 7.31
C ILE A 280 -3.53 18.49 6.45
N TYR A 281 -3.36 17.84 5.28
CA TYR A 281 -4.48 17.43 4.45
C TYR A 281 -5.08 16.10 4.85
N SER A 282 -4.33 15.23 5.53
CA SER A 282 -4.85 13.92 5.86
C SER A 282 -4.27 13.45 7.18
N LEU A 283 -5.09 12.69 7.93
CA LEU A 283 -4.71 12.21 9.25
C LEU A 283 -5.07 10.73 9.30
N ASN A 284 -4.07 9.89 9.49
CA ASN A 284 -4.27 8.44 9.48
C ASN A 284 -3.91 7.89 10.85
N MET A 285 -4.92 7.37 11.57
CA MET A 285 -4.76 6.88 12.93
C MET A 285 -5.27 5.45 13.07
N GLU A 286 -5.40 4.74 11.97
CA GLU A 286 -6.00 3.43 12.00
C GLU A 286 -5.11 2.44 12.77
N HIS A 287 -5.76 1.47 13.41
CA HIS A 287 -5.09 0.39 14.15
C HIS A 287 -4.35 0.94 15.36
N ASN A 288 -5.08 1.66 16.21
CA ASN A 288 -4.57 2.03 17.52
C ASN A 288 -5.60 1.59 18.55
N ARG A 289 -5.63 2.24 19.72
CA ARG A 289 -6.62 1.92 20.73
C ARG A 289 -7.32 3.17 21.22
N ILE A 290 -7.54 4.13 20.32
CA ILE A 290 -7.96 5.49 20.69
C ILE A 290 -9.42 5.43 21.12
N ASN A 291 -9.71 5.89 22.34
CA ASN A 291 -11.04 5.71 22.91
C ASN A 291 -11.90 6.95 22.81
N LYS A 292 -11.38 8.06 22.28
CA LYS A 292 -12.15 9.29 22.21
C LYS A 292 -11.46 10.26 21.25
N ILE A 293 -12.26 11.01 20.50
CA ILE A 293 -11.80 12.15 19.71
C ILE A 293 -12.15 13.43 20.48
N PRO A 294 -11.18 14.29 20.80
CA PRO A 294 -11.50 15.45 21.65
C PRO A 294 -12.45 16.42 20.98
N PHE A 295 -13.35 17.01 21.78
CA PHE A 295 -14.13 18.14 21.29
C PHE A 295 -13.20 19.24 20.79
N GLY A 296 -13.48 19.77 19.62
CA GLY A 296 -12.74 20.91 19.12
C GLY A 296 -11.39 20.65 18.46
N ILE A 297 -10.93 19.41 18.34
CA ILE A 297 -9.54 19.24 17.86
C ILE A 297 -9.37 19.65 16.40
N PHE A 298 -10.43 19.68 15.61
CA PHE A 298 -10.33 20.06 14.20
C PHE A 298 -10.83 21.47 13.93
N SER A 299 -10.98 22.28 14.97
CA SER A 299 -11.49 23.64 14.81
C SER A 299 -10.54 24.54 14.02
N ARG A 300 -9.25 24.22 13.98
CA ARG A 300 -8.32 24.99 13.15
C ARG A 300 -7.81 24.19 11.96
N ALA A 301 -8.47 23.10 11.60
CA ALA A 301 -7.95 22.16 10.61
C ALA A 301 -8.58 22.45 9.25
N LYS A 302 -8.20 23.60 8.69
CA LYS A 302 -8.93 24.15 7.56
C LYS A 302 -8.75 23.35 6.28
N VAL A 303 -7.64 22.62 6.12
CA VAL A 303 -7.42 21.86 4.90
C VAL A 303 -7.47 20.36 5.12
N LEU A 304 -7.74 19.91 6.33
CA LEU A 304 -7.78 18.48 6.60
C LEU A 304 -9.06 17.90 6.01
N SER A 305 -8.91 17.07 4.97
CA SER A 305 -10.07 16.51 4.28
C SER A 305 -10.22 15.00 4.41
N LYS A 306 -9.21 14.30 4.92
CA LYS A 306 -9.25 12.84 5.02
C LYS A 306 -8.86 12.42 6.43
N LEU A 307 -9.75 11.71 7.12
CA LEU A 307 -9.49 11.23 8.49
C LEU A 307 -9.78 9.74 8.53
N ASN A 308 -8.79 8.96 8.94
CA ASN A 308 -8.93 7.51 9.03
C ASN A 308 -8.77 7.11 10.49
N MET A 309 -9.87 6.66 11.11
CA MET A 309 -9.88 6.21 12.50
C MET A 309 -10.20 4.73 12.60
N LYS A 310 -10.04 4.00 11.50
CA LYS A 310 -10.43 2.59 11.47
C LYS A 310 -9.68 1.79 12.52
N ASP A 311 -10.39 0.86 13.16
CA ASP A 311 -9.83 -0.09 14.14
C ASP A 311 -9.28 0.65 15.36
N ASN A 312 -10.19 1.29 16.08
CA ASN A 312 -9.86 1.92 17.35
C ASN A 312 -10.91 1.51 18.37
N GLN A 313 -11.06 2.32 19.42
CA GLN A 313 -11.95 2.00 20.54
C GLN A 313 -12.97 3.12 20.74
N LEU A 314 -13.49 3.68 19.65
CA LEU A 314 -14.48 4.74 19.74
C LEU A 314 -15.83 4.13 20.09
N THR A 315 -16.47 4.68 21.12
CA THR A 315 -17.84 4.33 21.45
C THR A 315 -18.84 5.43 21.13
N SER A 316 -18.38 6.66 20.88
CA SER A 316 -19.23 7.75 20.41
C SER A 316 -18.35 8.78 19.69
N LEU A 317 -19.00 9.78 19.14
CA LEU A 317 -18.32 10.87 18.45
C LEU A 317 -18.48 12.15 19.26
N PRO A 318 -17.55 13.10 19.13
CA PRO A 318 -17.64 14.34 19.92
C PRO A 318 -18.89 15.13 19.58
N LEU A 319 -19.29 15.98 20.53
CA LEU A 319 -20.51 16.75 20.35
C LEU A 319 -20.42 17.75 19.20
N ASP A 320 -19.22 18.08 18.73
CA ASP A 320 -19.05 18.98 17.59
C ASP A 320 -18.75 18.24 16.29
N PHE A 321 -19.22 16.99 16.18
CA PHE A 321 -18.93 16.16 15.01
C PHE A 321 -19.43 16.83 13.72
N GLY A 322 -20.58 17.48 13.79
CA GLY A 322 -21.15 18.19 12.65
C GLY A 322 -20.38 19.43 12.24
N THR A 323 -19.38 19.86 13.01
CA THR A 323 -18.59 21.00 12.58
C THR A 323 -17.47 20.62 11.61
N TRP A 324 -17.27 19.33 11.34
CA TRP A 324 -16.16 18.91 10.48
C TRP A 324 -16.51 19.14 9.01
N THR A 325 -16.81 20.40 8.68
CA THR A 325 -17.41 20.72 7.39
C THR A 325 -16.44 20.59 6.23
N SER A 326 -15.14 20.53 6.48
CA SER A 326 -14.21 20.37 5.37
C SER A 326 -13.82 18.91 5.11
N MET A 327 -14.37 17.97 5.89
CA MET A 327 -14.04 16.55 5.72
C MET A 327 -14.67 15.99 4.45
N VAL A 328 -13.86 15.29 3.65
CA VAL A 328 -14.31 14.68 2.41
C VAL A 328 -14.34 13.16 2.51
N GLU A 329 -13.40 12.55 3.23
CA GLU A 329 -13.36 11.11 3.40
C GLU A 329 -13.17 10.80 4.87
N LEU A 330 -14.06 9.98 5.42
CA LEU A 330 -14.08 9.71 6.85
C LEU A 330 -14.23 8.21 7.05
N ASN A 331 -13.24 7.59 7.70
CA ASN A 331 -13.25 6.15 7.94
C ASN A 331 -13.31 5.92 9.44
N LEU A 332 -14.44 5.38 9.89
CA LEU A 332 -14.68 5.02 11.28
C LEU A 332 -14.95 3.52 11.44
N ALA A 333 -14.50 2.70 10.49
CA ALA A 333 -14.78 1.28 10.54
C ALA A 333 -14.12 0.65 11.77
N THR A 334 -14.62 -0.52 12.16
CA THR A 334 -14.06 -1.32 13.25
C THR A 334 -13.88 -0.48 14.53
N ASN A 335 -14.98 0.13 14.95
CA ASN A 335 -15.04 0.77 16.26
C ASN A 335 -16.25 0.15 16.97
N GLN A 336 -16.75 0.84 17.99
CA GLN A 336 -17.89 0.31 18.73
C GLN A 336 -18.99 1.37 18.82
N LEU A 337 -19.21 2.05 17.70
CA LEU A 337 -20.24 3.08 17.63
C LEU A 337 -21.61 2.43 17.58
N THR A 338 -22.51 2.91 18.43
CA THR A 338 -23.88 2.42 18.47
C THR A 338 -24.88 3.37 17.82
N LYS A 339 -24.48 4.60 17.51
CA LYS A 339 -25.37 5.53 16.83
C LYS A 339 -24.54 6.55 16.05
N ILE A 340 -25.16 7.13 15.02
CA ILE A 340 -24.59 8.29 14.36
C ILE A 340 -25.48 9.48 14.73
N PRO A 341 -24.92 10.56 15.27
CA PRO A 341 -25.77 11.67 15.74
C PRO A 341 -26.48 12.33 14.57
N GLU A 342 -27.61 12.99 14.90
CA GLU A 342 -28.33 13.73 13.87
C GLU A 342 -27.44 14.79 13.24
N ASP A 343 -26.51 15.34 14.01
CA ASP A 343 -25.61 16.40 13.53
C ASP A 343 -24.69 15.95 12.39
N VAL A 344 -24.70 14.67 12.00
CA VAL A 344 -23.99 14.28 10.79
C VAL A 344 -24.44 15.12 9.61
N SER A 345 -25.64 15.71 9.68
CA SER A 345 -26.15 16.56 8.61
C SER A 345 -25.24 17.74 8.31
N GLY A 346 -24.37 18.11 9.25
CA GLY A 346 -23.45 19.21 8.98
C GLY A 346 -22.34 18.89 7.97
N LEU A 347 -22.12 17.62 7.64
CA LEU A 347 -20.94 17.23 6.85
C LEU A 347 -21.23 17.31 5.35
N VAL A 348 -21.50 18.53 4.87
CA VAL A 348 -21.97 18.73 3.51
C VAL A 348 -20.89 18.49 2.44
N SER A 349 -19.62 18.48 2.81
CA SER A 349 -18.55 18.17 1.87
C SER A 349 -18.20 16.70 1.80
N LEU A 350 -18.82 15.87 2.63
CA LEU A 350 -18.40 14.49 2.76
C LEU A 350 -18.78 13.68 1.52
N GLU A 351 -17.80 12.98 0.93
CA GLU A 351 -17.99 12.10 -0.22
C GLU A 351 -17.88 10.62 0.08
N VAL A 352 -17.08 10.24 1.08
CA VAL A 352 -16.88 8.84 1.44
C VAL A 352 -17.06 8.70 2.94
N LEU A 353 -17.94 7.79 3.36
CA LEU A 353 -18.23 7.56 4.77
C LEU A 353 -18.20 6.06 4.99
N ILE A 354 -17.17 5.59 5.70
CA ILE A 354 -16.97 4.16 5.94
C ILE A 354 -17.29 3.91 7.40
N LEU A 355 -18.30 3.08 7.65
CA LEU A 355 -18.74 2.77 9.00
C LEU A 355 -18.81 1.28 9.25
N SER A 356 -18.15 0.48 8.40
CA SER A 356 -18.21 -0.98 8.51
C SER A 356 -17.79 -1.44 9.90
N ASN A 357 -18.37 -2.55 10.35
CA ASN A 357 -17.96 -3.24 11.57
C ASN A 357 -18.10 -2.33 12.80
N ASN A 358 -19.28 -1.74 12.97
CA ASN A 358 -19.62 -1.10 14.23
C ASN A 358 -20.86 -1.78 14.81
N LEU A 359 -21.59 -1.09 15.68
CA LEU A 359 -22.75 -1.66 16.36
C LEU A 359 -24.04 -0.90 16.05
N LEU A 360 -24.18 -0.41 14.80
CA LEU A 360 -25.27 0.50 14.46
C LEU A 360 -26.58 -0.25 14.22
N LYS A 361 -27.64 0.18 14.89
CA LYS A 361 -28.97 -0.39 14.69
C LYS A 361 -29.87 0.46 13.81
N LYS A 362 -29.66 1.77 13.80
CA LYS A 362 -30.46 2.71 13.03
C LYS A 362 -29.54 3.81 12.51
N LEU A 363 -30.02 4.55 11.52
CA LEU A 363 -29.28 5.70 11.04
C LEU A 363 -30.14 6.95 11.22
N PRO A 364 -29.52 8.11 11.46
CA PRO A 364 -30.31 9.33 11.69
C PRO A 364 -30.92 9.87 10.39
N HIS A 365 -32.00 10.64 10.55
CA HIS A 365 -32.60 11.33 9.40
C HIS A 365 -31.62 12.31 8.78
N GLY A 366 -30.77 12.94 9.59
CA GLY A 366 -29.77 13.86 9.08
C GLY A 366 -28.82 13.25 8.08
N LEU A 367 -28.75 11.92 7.99
CA LEU A 367 -27.90 11.32 6.97
C LEU A 367 -28.30 11.75 5.57
N GLY A 368 -29.58 12.05 5.36
CA GLY A 368 -30.06 12.49 4.05
C GLY A 368 -29.57 13.84 3.60
N ASN A 369 -28.94 14.63 4.49
CA ASN A 369 -28.40 15.93 4.11
C ASN A 369 -26.99 15.87 3.53
N LEU A 370 -26.41 14.67 3.37
CA LEU A 370 -25.04 14.52 2.85
C LEU A 370 -25.09 14.53 1.32
N ARG A 371 -25.24 15.74 0.78
CA ARG A 371 -25.59 15.87 -0.64
C ARG A 371 -24.45 15.51 -1.57
N LYS A 372 -23.20 15.53 -1.09
CA LYS A 372 -22.06 15.13 -1.91
C LYS A 372 -21.67 13.67 -1.70
N LEU A 373 -22.39 12.94 -0.85
CA LEU A 373 -21.96 11.60 -0.48
C LEU A 373 -22.02 10.67 -1.68
N ARG A 374 -20.88 10.04 -2.00
CA ARG A 374 -20.75 9.10 -3.12
C ARG A 374 -20.65 7.65 -2.68
N GLU A 375 -20.06 7.38 -1.52
CA GLU A 375 -19.84 6.01 -1.06
C GLU A 375 -20.21 5.93 0.41
N LEU A 376 -21.09 5.00 0.74
CA LEU A 376 -21.55 4.78 2.11
C LEU A 376 -21.44 3.30 2.39
N ASP A 377 -20.51 2.92 3.27
CA ASP A 377 -20.20 1.52 3.58
C ASP A 377 -20.66 1.24 5.00
N LEU A 378 -21.72 0.45 5.13
CA LEU A 378 -22.26 0.06 6.44
C LEU A 378 -22.16 -1.44 6.66
N GLU A 379 -21.25 -2.11 5.96
CA GLU A 379 -21.12 -3.56 6.10
C GLU A 379 -20.88 -3.95 7.55
N GLU A 380 -21.54 -5.02 7.99
CA GLU A 380 -21.26 -5.65 9.29
C GLU A 380 -21.67 -4.72 10.44
N ASN A 381 -22.92 -4.28 10.42
CA ASN A 381 -23.49 -3.62 11.58
C ASN A 381 -24.70 -4.42 12.04
N LYS A 382 -25.65 -3.78 12.71
CA LYS A 382 -26.84 -4.45 13.23
C LYS A 382 -28.11 -3.72 12.77
N LEU A 383 -28.08 -3.16 11.56
CA LEU A 383 -29.14 -2.28 11.10
C LEU A 383 -30.44 -3.03 10.87
N GLU A 384 -31.51 -2.55 11.51
CA GLU A 384 -32.85 -3.10 11.33
C GLU A 384 -33.70 -2.28 10.36
N SER A 385 -33.25 -1.11 9.95
CA SER A 385 -33.98 -0.31 8.98
C SER A 385 -33.07 0.78 8.43
N LEU A 386 -33.53 1.42 7.36
CA LEU A 386 -32.94 2.62 6.78
C LEU A 386 -33.92 3.78 6.90
N PRO A 387 -33.45 4.99 7.15
CA PRO A 387 -34.37 6.13 7.21
C PRO A 387 -34.85 6.50 5.81
N ASN A 388 -36.06 7.07 5.75
CA ASN A 388 -36.62 7.50 4.47
C ASN A 388 -35.74 8.52 3.78
N GLU A 389 -35.02 9.33 4.56
CA GLU A 389 -34.23 10.44 4.04
C GLU A 389 -33.02 10.00 3.24
N ILE A 390 -32.70 8.71 3.21
CA ILE A 390 -31.64 8.27 2.29
C ILE A 390 -31.99 8.64 0.86
N ALA A 391 -33.27 8.82 0.55
CA ALA A 391 -33.73 9.17 -0.78
C ALA A 391 -33.10 10.44 -1.33
N TYR A 392 -32.59 11.33 -0.46
CA TYR A 392 -32.02 12.60 -0.88
C TYR A 392 -30.53 12.51 -1.19
N LEU A 393 -29.94 11.31 -1.13
CA LEU A 393 -28.52 11.13 -1.39
C LEU A 393 -28.30 10.93 -2.89
N LYS A 394 -28.55 12.02 -3.64
CA LYS A 394 -28.60 11.95 -5.10
C LYS A 394 -27.23 11.73 -5.73
N ASP A 395 -26.14 11.94 -4.99
CA ASP A 395 -24.80 11.67 -5.51
C ASP A 395 -24.29 10.28 -5.16
N LEU A 396 -25.03 9.53 -4.36
CA LEU A 396 -24.59 8.22 -3.92
C LEU A 396 -24.44 7.25 -5.09
N GLN A 397 -23.24 6.67 -5.26
CA GLN A 397 -23.01 5.62 -6.26
C GLN A 397 -22.89 4.23 -5.65
N LYS A 398 -22.36 4.12 -4.43
CA LYS A 398 -22.10 2.82 -3.82
C LYS A 398 -22.72 2.80 -2.44
N LEU A 399 -23.63 1.86 -2.21
CA LEU A 399 -24.28 1.66 -0.92
C LEU A 399 -24.05 0.21 -0.51
N VAL A 400 -23.25 -0.01 0.51
CA VAL A 400 -22.89 -1.35 0.99
C VAL A 400 -23.62 -1.57 2.30
N LEU A 401 -24.59 -2.50 2.30
CA LEU A 401 -25.33 -2.88 3.50
C LEU A 401 -25.10 -4.34 3.88
N THR A 402 -24.05 -4.95 3.35
CA THR A 402 -23.78 -6.38 3.57
C THR A 402 -23.77 -6.70 5.05
N ASN A 403 -24.39 -7.82 5.43
CA ASN A 403 -24.30 -8.34 6.79
C ASN A 403 -24.93 -7.39 7.81
N ASN A 404 -26.25 -7.21 7.74
CA ASN A 404 -27.00 -6.46 8.75
C ASN A 404 -28.27 -7.23 9.04
N GLN A 405 -29.28 -6.54 9.60
CA GLN A 405 -30.54 -7.17 9.98
C GLN A 405 -31.72 -6.54 9.27
N LEU A 406 -31.54 -6.10 8.03
CA LEU A 406 -32.62 -5.43 7.31
C LEU A 406 -33.67 -6.42 6.86
N THR A 407 -34.95 -6.06 7.04
CA THR A 407 -36.07 -6.84 6.56
C THR A 407 -36.78 -6.22 5.36
N THR A 408 -36.91 -4.89 5.34
CA THR A 408 -37.44 -4.18 4.19
C THR A 408 -36.54 -2.99 3.91
N LEU A 409 -36.67 -2.47 2.70
CA LEU A 409 -36.03 -1.23 2.29
C LEU A 409 -37.08 -0.13 2.15
N PRO A 410 -36.74 1.12 2.44
CA PRO A 410 -37.71 2.21 2.25
C PRO A 410 -38.05 2.34 0.77
N ARG A 411 -39.31 2.73 0.48
CA ARG A 411 -39.69 2.93 -0.92
C ARG A 411 -38.85 4.03 -1.56
N GLY A 412 -38.36 4.98 -0.76
CA GLY A 412 -37.53 6.04 -1.29
C GLY A 412 -36.18 5.59 -1.82
N ILE A 413 -35.83 4.31 -1.67
CA ILE A 413 -34.53 3.88 -2.18
C ILE A 413 -34.47 4.09 -3.69
N GLY A 414 -35.61 4.07 -4.37
CA GLY A 414 -35.62 4.24 -5.80
C GLY A 414 -35.32 5.66 -6.28
N HIS A 415 -35.20 6.61 -5.36
CA HIS A 415 -34.83 7.98 -5.71
C HIS A 415 -33.32 8.20 -5.82
N LEU A 416 -32.51 7.20 -5.51
CA LEU A 416 -31.06 7.34 -5.61
C LEU A 416 -30.66 7.31 -7.08
N THR A 417 -30.78 8.49 -7.72
CA THR A 417 -30.55 8.65 -9.15
C THR A 417 -29.25 7.97 -9.61
N ASN A 418 -28.16 8.23 -8.90
CA ASN A 418 -26.81 7.87 -9.34
C ASN A 418 -26.31 6.54 -8.80
N LEU A 419 -27.14 5.76 -8.11
CA LEU A 419 -26.66 4.53 -7.47
C LEU A 419 -26.27 3.47 -8.51
N THR A 420 -25.04 2.98 -8.43
CA THR A 420 -24.55 1.92 -9.30
C THR A 420 -24.33 0.58 -8.59
N HIS A 421 -24.11 0.59 -7.28
CA HIS A 421 -23.68 -0.58 -6.52
C HIS A 421 -24.54 -0.63 -5.26
N LEU A 422 -25.26 -1.73 -5.08
CA LEU A 422 -26.14 -1.94 -3.93
C LEU A 422 -25.81 -3.32 -3.37
N GLY A 423 -25.10 -3.34 -2.25
CA GLY A 423 -24.79 -4.58 -1.56
C GLY A 423 -25.79 -4.88 -0.47
N LEU A 424 -26.64 -5.90 -0.67
CA LEU A 424 -27.66 -6.27 0.30
C LEU A 424 -27.45 -7.68 0.85
N GLY A 425 -26.31 -8.31 0.57
CA GLY A 425 -26.11 -9.68 1.01
C GLY A 425 -26.11 -9.82 2.53
N GLU A 426 -26.45 -11.03 2.98
CA GLU A 426 -26.43 -11.40 4.40
C GLU A 426 -27.35 -10.50 5.23
N ASN A 427 -28.60 -10.39 4.78
CA ASN A 427 -29.59 -9.69 5.57
C ASN A 427 -30.81 -10.56 5.80
N LEU A 428 -31.92 -9.97 6.28
CA LEU A 428 -33.17 -10.67 6.55
C LEU A 428 -34.29 -10.18 5.64
N LEU A 429 -33.94 -9.75 4.43
CA LEU A 429 -34.93 -9.11 3.56
C LEU A 429 -36.04 -10.08 3.18
N THR A 430 -37.29 -9.63 3.35
CA THR A 430 -38.42 -10.41 2.91
C THR A 430 -38.85 -10.10 1.48
N HIS A 431 -38.37 -8.97 0.92
CA HIS A 431 -38.72 -8.57 -0.43
C HIS A 431 -38.02 -7.29 -0.86
N LEU A 432 -37.73 -7.17 -2.14
CA LEU A 432 -37.27 -5.90 -2.69
C LEU A 432 -38.47 -4.99 -2.99
N PRO A 433 -38.34 -3.68 -2.76
CA PRO A 433 -39.41 -2.77 -3.17
C PRO A 433 -39.50 -2.67 -4.69
N GLU A 434 -40.73 -2.43 -5.15
CA GLU A 434 -40.95 -2.23 -6.58
C GLU A 434 -40.20 -1.00 -7.09
N GLU A 435 -39.93 -0.03 -6.21
CA GLU A 435 -39.23 1.18 -6.60
C GLU A 435 -37.78 0.92 -7.00
N ILE A 436 -37.26 -0.30 -6.81
CA ILE A 436 -35.93 -0.63 -7.31
C ILE A 436 -35.82 -0.35 -8.79
N GLY A 437 -36.95 -0.37 -9.51
CA GLY A 437 -36.95 -0.17 -10.95
C GLY A 437 -36.65 1.23 -11.39
N THR A 438 -36.77 2.22 -10.50
CA THR A 438 -36.38 3.58 -10.86
C THR A 438 -34.89 3.85 -10.68
N LEU A 439 -34.11 2.84 -10.25
CA LEU A 439 -32.66 2.95 -10.16
C LEU A 439 -32.07 2.71 -11.55
N GLU A 440 -32.19 3.74 -12.40
CA GLU A 440 -31.81 3.60 -13.81
C GLU A 440 -30.33 3.26 -14.00
N ASN A 441 -29.47 3.58 -13.03
CA ASN A 441 -28.03 3.42 -13.19
C ASN A 441 -27.49 2.19 -12.46
N LEU A 442 -28.35 1.33 -11.92
CA LEU A 442 -27.86 0.21 -11.12
C LEU A 442 -27.14 -0.81 -11.98
N GLU A 443 -25.93 -1.20 -11.55
CA GLU A 443 -25.10 -2.19 -12.24
C GLU A 443 -24.85 -3.46 -11.45
N GLU A 444 -24.59 -3.35 -10.15
CA GLU A 444 -24.29 -4.48 -9.29
C GLU A 444 -25.32 -4.52 -8.17
N LEU A 445 -25.97 -5.68 -8.01
CA LEU A 445 -26.97 -5.88 -6.97
C LEU A 445 -26.70 -7.21 -6.31
N TYR A 446 -26.24 -7.19 -5.06
CA TYR A 446 -25.87 -8.39 -4.33
C TYR A 446 -26.98 -8.75 -3.36
N LEU A 447 -27.63 -9.88 -3.58
CA LEU A 447 -28.71 -10.36 -2.72
C LEU A 447 -28.38 -11.65 -2.00
N ASN A 448 -27.21 -12.21 -2.23
CA ASN A 448 -26.85 -13.52 -1.70
C ASN A 448 -27.09 -13.59 -0.20
N ASP A 449 -27.48 -14.78 0.27
CA ASP A 449 -27.57 -15.07 1.69
C ASP A 449 -28.68 -14.27 2.37
N ASN A 450 -29.81 -14.14 1.69
CA ASN A 450 -31.05 -13.63 2.29
C ASN A 450 -32.05 -14.77 2.34
N PRO A 451 -32.21 -15.44 3.50
CA PRO A 451 -32.98 -16.68 3.54
C PRO A 451 -34.48 -16.49 3.56
N ASN A 452 -34.98 -15.27 3.73
CA ASN A 452 -36.40 -15.01 3.67
C ASN A 452 -36.83 -14.38 2.35
N LEU A 453 -35.91 -14.26 1.40
CA LEU A 453 -36.20 -13.61 0.12
C LEU A 453 -36.73 -14.66 -0.84
N HIS A 454 -38.06 -14.73 -0.96
CA HIS A 454 -38.71 -15.76 -1.75
C HIS A 454 -39.18 -15.27 -3.12
N SER A 455 -39.01 -13.98 -3.43
CA SER A 455 -39.42 -13.50 -4.73
C SER A 455 -38.62 -12.25 -5.09
N LEU A 456 -38.64 -11.91 -6.38
CA LEU A 456 -38.10 -10.65 -6.87
C LEU A 456 -39.20 -9.90 -7.61
N PRO A 457 -39.16 -8.57 -7.64
CA PRO A 457 -40.22 -7.82 -8.31
C PRO A 457 -40.00 -7.75 -9.81
N PHE A 458 -41.13 -7.69 -10.53
CA PHE A 458 -41.09 -7.51 -11.98
C PHE A 458 -40.26 -6.30 -12.38
N GLU A 459 -40.38 -5.21 -11.63
CA GLU A 459 -39.74 -3.96 -12.05
C GLU A 459 -38.23 -4.00 -11.91
N LEU A 460 -37.64 -5.08 -11.40
CA LEU A 460 -36.19 -5.23 -11.48
C LEU A 460 -35.73 -5.30 -12.92
N ALA A 461 -36.59 -5.74 -13.83
CA ALA A 461 -36.23 -5.81 -15.24
C ALA A 461 -35.99 -4.43 -15.84
N LEU A 462 -36.52 -3.38 -15.22
CA LEU A 462 -36.33 -2.01 -15.68
C LEU A 462 -34.91 -1.49 -15.44
N CYS A 463 -34.05 -2.24 -14.76
CA CYS A 463 -32.68 -1.79 -14.47
C CYS A 463 -31.78 -2.23 -15.62
N SER A 464 -31.65 -1.35 -16.62
CA SER A 464 -31.08 -1.74 -17.91
C SER A 464 -29.57 -2.02 -17.82
N LYS A 465 -28.86 -1.37 -16.90
CA LYS A 465 -27.42 -1.59 -16.78
C LYS A 465 -27.08 -2.71 -15.81
N LEU A 466 -28.07 -3.42 -15.27
CA LEU A 466 -27.82 -4.45 -14.28
C LEU A 466 -26.99 -5.59 -14.87
N SER A 467 -25.72 -5.69 -14.47
CA SER A 467 -24.81 -6.68 -15.04
C SER A 467 -24.29 -7.70 -14.03
N ILE A 468 -24.38 -7.43 -12.73
CA ILE A 468 -23.94 -8.37 -11.70
C ILE A 468 -25.05 -8.49 -10.66
N MET A 469 -25.55 -9.70 -10.45
CA MET A 469 -26.52 -10.00 -9.41
C MET A 469 -26.21 -11.35 -8.80
N SER A 470 -26.10 -11.39 -7.47
CA SER A 470 -25.84 -12.62 -6.74
C SER A 470 -27.08 -13.02 -5.94
N ILE A 471 -27.44 -14.29 -6.00
CA ILE A 471 -28.63 -14.76 -5.31
C ILE A 471 -28.38 -16.10 -4.63
N GLU A 472 -27.11 -16.41 -4.35
CA GLU A 472 -26.77 -17.65 -3.67
C GLU A 472 -27.33 -17.66 -2.25
N ASN A 473 -27.87 -18.81 -1.84
CA ASN A 473 -28.54 -18.96 -0.55
C ASN A 473 -29.78 -18.09 -0.43
N CYS A 474 -30.47 -17.86 -1.56
CA CYS A 474 -31.78 -17.23 -1.53
C CYS A 474 -32.81 -18.24 -1.98
N PRO A 475 -33.84 -18.52 -1.19
CA PRO A 475 -34.81 -19.57 -1.58
C PRO A 475 -35.53 -19.27 -2.87
N LEU A 476 -35.99 -18.04 -3.09
CA LEU A 476 -36.67 -17.64 -4.33
C LEU A 476 -37.75 -18.65 -4.73
N SER A 477 -38.49 -19.13 -3.75
CA SER A 477 -39.43 -20.23 -3.98
C SER A 477 -40.68 -19.81 -4.73
N HIS A 478 -40.94 -18.51 -4.86
CA HIS A 478 -42.10 -18.05 -5.61
C HIS A 478 -41.82 -17.98 -7.11
N LEU A 479 -40.55 -17.99 -7.50
CA LEU A 479 -40.21 -18.09 -8.90
C LEU A 479 -40.18 -19.54 -9.34
N PRO A 480 -40.25 -19.81 -10.65
CA PRO A 480 -40.15 -21.20 -11.12
C PRO A 480 -38.84 -21.84 -10.69
N PRO A 481 -38.90 -23.00 -10.02
CA PRO A 481 -37.66 -23.62 -9.51
C PRO A 481 -36.62 -23.89 -10.58
N GLN A 482 -37.03 -24.15 -11.83
CA GLN A 482 -36.07 -24.32 -12.89
C GLN A 482 -35.43 -23.01 -13.33
N ILE A 483 -36.09 -21.88 -13.07
CA ILE A 483 -35.52 -20.58 -13.43
C ILE A 483 -34.35 -20.22 -12.51
N VAL A 484 -34.54 -20.40 -11.20
CA VAL A 484 -33.47 -20.10 -10.25
C VAL A 484 -32.28 -21.03 -10.44
N ALA A 485 -32.50 -22.22 -11.02
CA ALA A 485 -31.38 -23.09 -11.36
C ALA A 485 -30.58 -22.53 -12.53
N GLY A 486 -31.24 -21.79 -13.42
CA GLY A 486 -30.55 -21.16 -14.54
C GLY A 486 -29.68 -19.99 -14.16
N GLY A 487 -29.74 -19.55 -12.91
CA GLY A 487 -28.89 -18.48 -12.43
C GLY A 487 -29.52 -17.11 -12.58
N PRO A 488 -28.76 -16.07 -12.21
CA PRO A 488 -29.31 -14.70 -12.27
C PRO A 488 -29.73 -14.27 -13.67
N SER A 489 -28.94 -14.60 -14.69
CA SER A 489 -29.29 -14.25 -16.07
C SER A 489 -30.64 -14.85 -16.46
N PHE A 490 -30.94 -16.05 -15.97
CA PHE A 490 -32.23 -16.66 -16.24
C PHE A 490 -33.35 -15.97 -15.46
N ILE A 491 -33.07 -15.60 -14.21
CA ILE A 491 -34.09 -14.96 -13.38
C ILE A 491 -34.44 -13.59 -13.93
N ILE A 492 -33.43 -12.82 -14.36
CA ILE A 492 -33.72 -11.48 -14.86
C ILE A 492 -34.39 -11.56 -16.23
N GLN A 493 -34.00 -12.55 -17.05
CA GLN A 493 -34.67 -12.73 -18.34
C GLN A 493 -36.12 -13.12 -18.14
N PHE A 494 -36.40 -13.93 -17.12
CA PHE A 494 -37.79 -14.30 -16.82
C PHE A 494 -38.60 -13.07 -16.41
N LEU A 495 -38.04 -12.23 -15.54
CA LEU A 495 -38.77 -11.06 -15.06
C LEU A 495 -39.09 -10.08 -16.18
N LYS A 496 -38.24 -10.02 -17.20
CA LYS A 496 -38.49 -9.12 -18.33
C LYS A 496 -39.64 -9.62 -19.19
N MET A 497 -39.54 -10.89 -19.64
CA MET A 497 -40.53 -11.43 -20.57
C MET A 497 -41.91 -11.55 -19.93
N GLN A 498 -41.98 -12.22 -18.78
CA GLN A 498 -43.26 -12.40 -18.12
C GLN A 498 -43.76 -11.15 -17.43
N GLY A 499 -42.96 -10.09 -17.39
CA GLY A 499 -43.37 -8.85 -16.79
C GLY A 499 -44.12 -7.95 -17.76
N PRO A 500 -44.85 -6.97 -17.22
CA PRO A 500 -45.58 -6.05 -18.09
C PRO A 500 -44.80 -4.81 -18.48
N TYR A 501 -43.47 -4.93 -18.56
CA TYR A 501 -42.62 -3.78 -18.88
C TYR A 501 -41.82 -4.01 -20.15
N ARG A 502 -42.46 -4.44 -21.22
CA ARG A 502 -41.73 -4.76 -22.45
C ARG A 502 -42.56 -4.44 -23.69
N GLU B 12 -7.40 2.72 43.87
CA GLU B 12 -6.27 1.88 44.28
C GLU B 12 -6.42 0.47 43.70
N VAL B 13 -5.27 -0.17 43.45
CA VAL B 13 -5.28 -1.56 42.98
C VAL B 13 -5.72 -2.49 44.09
N ILE B 14 -5.39 -2.17 45.34
CA ILE B 14 -5.84 -2.99 46.46
C ILE B 14 -7.37 -3.04 46.50
N LYS B 15 -8.01 -1.91 46.23
CA LYS B 15 -9.47 -1.90 46.18
C LYS B 15 -9.98 -2.88 45.15
N GLU B 16 -9.37 -2.89 43.97
CA GLU B 16 -9.85 -3.76 42.89
C GLU B 16 -9.61 -5.23 43.20
N LEU B 17 -8.46 -5.55 43.81
CA LEU B 17 -8.19 -6.94 44.18
C LEU B 17 -9.22 -7.45 45.19
N ASN B 18 -9.52 -6.63 46.20
CA ASN B 18 -10.46 -7.04 47.24
C ASN B 18 -11.86 -7.23 46.68
N LYS B 19 -12.27 -6.37 45.74
CA LYS B 19 -13.58 -6.54 45.12
C LYS B 19 -13.66 -7.87 44.37
N CYS B 20 -12.57 -8.25 43.68
CA CYS B 20 -12.55 -9.50 42.94
C CYS B 20 -12.67 -10.71 43.87
N ARG B 21 -11.99 -10.68 45.02
CA ARG B 21 -12.09 -11.79 45.95
C ARG B 21 -13.47 -11.89 46.58
N GLU B 22 -14.24 -10.80 46.59
CA GLU B 22 -15.58 -10.83 47.19
C GLU B 22 -16.60 -11.48 46.27
N GLU B 23 -16.63 -11.07 44.99
CA GLU B 23 -17.58 -11.67 44.06
C GLU B 23 -17.17 -13.06 43.63
N ASN B 24 -16.00 -13.54 44.07
CA ASN B 24 -15.36 -14.71 43.49
C ASN B 24 -15.34 -14.61 41.96
N SER B 25 -15.01 -13.43 41.48
CA SER B 25 -14.92 -13.22 40.04
C SER B 25 -13.78 -14.02 39.46
N MET B 26 -14.02 -14.66 38.32
CA MET B 26 -13.00 -15.42 37.61
C MET B 26 -12.29 -14.60 36.54
N ARG B 27 -12.65 -13.33 36.41
CA ARG B 27 -11.98 -12.39 35.53
C ARG B 27 -11.40 -11.28 36.38
N LEU B 28 -10.16 -10.89 36.09
CA LEU B 28 -9.54 -9.75 36.75
C LEU B 28 -8.92 -8.86 35.69
N ASP B 29 -9.43 -7.64 35.56
CA ASP B 29 -8.99 -6.68 34.55
C ASP B 29 -8.31 -5.53 35.29
N LEU B 30 -6.98 -5.59 35.38
CA LEU B 30 -6.17 -4.48 35.87
C LEU B 30 -5.48 -3.73 34.74
N SER B 31 -6.00 -3.83 33.53
CA SER B 31 -5.35 -3.18 32.40
C SER B 31 -5.44 -1.67 32.52
N LYS B 32 -4.48 -0.98 31.91
CA LYS B 32 -4.54 0.47 31.72
C LYS B 32 -4.62 1.21 33.05
N ARG B 33 -3.80 0.79 34.03
CA ARG B 33 -3.82 1.42 35.35
C ARG B 33 -2.45 1.90 35.80
N SER B 34 -1.47 1.99 34.88
CA SER B 34 -0.12 2.50 35.18
C SER B 34 0.54 1.76 36.34
N ILE B 35 0.27 0.46 36.44
CA ILE B 35 0.79 -0.33 37.56
C ILE B 35 2.26 -0.65 37.32
N HIS B 36 3.10 -0.30 38.30
CA HIS B 36 4.53 -0.63 38.32
C HIS B 36 4.81 -1.94 39.06
N ILE B 37 4.12 -2.18 40.17
CA ILE B 37 4.37 -3.36 41.01
C ILE B 37 3.04 -4.05 41.30
N LEU B 38 2.93 -5.31 40.88
CA LEU B 38 1.74 -6.11 41.17
C LEU B 38 1.80 -6.64 42.60
N PRO B 39 0.79 -6.37 43.44
CA PRO B 39 0.87 -6.77 44.85
C PRO B 39 0.88 -8.28 45.04
N SER B 40 1.64 -8.72 46.05
CA SER B 40 1.74 -10.13 46.43
C SER B 40 0.39 -10.77 46.72
N SER B 41 -0.58 -9.98 47.18
CA SER B 41 -1.85 -10.54 47.64
C SER B 41 -2.73 -11.04 46.50
N ILE B 42 -2.28 -10.91 45.25
CA ILE B 42 -2.98 -11.53 44.12
C ILE B 42 -3.00 -13.04 44.24
N LYS B 43 -2.13 -13.61 45.07
CA LYS B 43 -2.06 -15.06 45.23
C LYS B 43 -3.33 -15.65 45.84
N GLU B 44 -4.15 -14.85 46.51
CA GLU B 44 -5.35 -15.42 47.11
C GLU B 44 -6.49 -15.55 46.10
N LEU B 45 -6.37 -14.95 44.93
CA LEU B 45 -7.44 -14.99 43.95
C LEU B 45 -7.37 -16.26 43.11
N THR B 46 -7.29 -17.43 43.76
CA THR B 46 -7.00 -18.69 43.06
C THR B 46 -8.10 -19.12 42.11
N GLN B 47 -9.27 -18.49 42.14
CA GLN B 47 -10.35 -18.87 41.24
C GLN B 47 -10.25 -18.21 39.87
N LEU B 48 -9.29 -17.31 39.66
CA LEU B 48 -9.17 -16.59 38.40
C LEU B 48 -8.90 -17.54 37.24
N THR B 49 -9.66 -17.38 36.16
CA THR B 49 -9.38 -18.04 34.89
C THR B 49 -8.79 -17.09 33.87
N GLU B 50 -9.01 -15.79 34.02
CA GLU B 50 -8.52 -14.79 33.08
C GLU B 50 -7.96 -13.62 33.86
N LEU B 51 -6.77 -13.15 33.48
CA LEU B 51 -6.11 -12.05 34.16
C LEU B 51 -5.54 -11.10 33.12
N TYR B 52 -6.05 -9.86 33.11
CA TYR B 52 -5.64 -8.86 32.13
C TYR B 52 -4.81 -7.79 32.84
N LEU B 53 -3.56 -7.63 32.38
CA LEU B 53 -2.60 -6.69 32.94
C LEU B 53 -1.99 -5.80 31.87
N TYR B 54 -2.58 -5.75 30.68
CA TYR B 54 -1.94 -5.05 29.58
C TYR B 54 -1.97 -3.54 29.80
N SER B 55 -1.11 -2.84 29.07
CA SER B 55 -0.97 -1.38 29.13
C SER B 55 -0.72 -0.91 30.57
N ASN B 56 0.33 -1.45 31.16
CA ASN B 56 0.78 -1.00 32.46
C ASN B 56 2.28 -0.71 32.36
N LYS B 57 2.96 -0.72 33.49
CA LYS B 57 4.39 -0.43 33.53
C LYS B 57 5.11 -1.49 34.32
N LEU B 58 4.71 -2.76 34.18
CA LEU B 58 5.33 -3.84 34.93
C LEU B 58 6.70 -4.17 34.36
N GLN B 59 7.71 -4.20 35.23
CA GLN B 59 9.02 -4.73 34.84
C GLN B 59 9.21 -6.18 35.23
N SER B 60 8.42 -6.69 36.17
CA SER B 60 8.38 -8.12 36.44
C SER B 60 7.01 -8.48 36.96
N LEU B 61 6.69 -9.77 36.92
CA LEU B 61 5.57 -10.36 37.63
C LEU B 61 6.06 -11.02 38.89
N PRO B 62 5.36 -10.83 40.01
CA PRO B 62 5.73 -11.53 41.24
C PRO B 62 5.49 -13.02 41.09
N ALA B 63 6.27 -13.80 41.84
CA ALA B 63 6.10 -15.25 41.82
C ALA B 63 4.71 -15.69 42.24
N GLU B 64 3.98 -14.83 42.96
CA GLU B 64 2.66 -15.20 43.45
C GLU B 64 1.66 -15.44 42.32
N VAL B 65 1.93 -14.95 41.10
CA VAL B 65 1.04 -15.25 39.98
C VAL B 65 0.99 -16.75 39.72
N GLY B 66 2.07 -17.46 40.05
CA GLY B 66 2.10 -18.91 39.94
C GLY B 66 1.12 -19.64 40.84
N CYS B 67 0.51 -18.93 41.80
CA CYS B 67 -0.57 -19.49 42.60
C CYS B 67 -1.91 -19.49 41.86
N LEU B 68 -2.00 -18.82 40.72
CA LEU B 68 -3.26 -18.74 39.98
C LEU B 68 -3.37 -19.95 39.06
N VAL B 69 -3.55 -21.11 39.70
CA VAL B 69 -3.44 -22.39 39.01
C VAL B 69 -4.57 -22.65 38.02
N ASN B 70 -5.64 -21.86 38.04
CA ASN B 70 -6.73 -22.07 37.10
C ASN B 70 -6.72 -21.08 35.94
N LEU B 71 -5.64 -20.31 35.78
CA LEU B 71 -5.58 -19.35 34.69
C LEU B 71 -5.59 -20.09 33.35
N MET B 72 -6.44 -19.61 32.43
CA MET B 72 -6.39 -20.02 31.04
C MET B 72 -5.98 -18.87 30.11
N THR B 73 -6.13 -17.63 30.55
CA THR B 73 -5.70 -16.46 29.79
C THR B 73 -4.85 -15.56 30.68
N LEU B 74 -3.68 -15.18 30.17
CA LEU B 74 -2.79 -14.25 30.85
C LEU B 74 -2.40 -13.20 29.82
N ALA B 75 -2.91 -11.99 29.98
CA ALA B 75 -2.80 -10.93 28.97
C ALA B 75 -1.86 -9.87 29.51
N LEU B 76 -0.67 -9.77 28.89
CA LEU B 76 0.40 -8.96 29.45
C LEU B 76 0.99 -7.98 28.42
N SER B 77 0.28 -7.69 27.33
CA SER B 77 0.89 -6.85 26.31
C SER B 77 1.12 -5.43 26.84
N GLU B 78 2.05 -4.72 26.20
CA GLU B 78 2.33 -3.32 26.51
C GLU B 78 2.72 -3.12 27.97
N ASN B 79 3.83 -3.75 28.32
CA ASN B 79 4.49 -3.56 29.60
C ASN B 79 5.98 -3.44 29.33
N SER B 80 6.80 -3.61 30.35
CA SER B 80 8.27 -3.54 30.22
C SER B 80 8.91 -4.82 30.76
N LEU B 81 8.26 -5.96 30.51
CA LEU B 81 8.74 -7.24 31.03
C LEU B 81 9.99 -7.72 30.27
N THR B 82 10.93 -8.30 31.02
CA THR B 82 12.11 -8.95 30.46
C THR B 82 12.13 -10.46 30.70
N SER B 83 11.20 -10.98 31.50
CA SER B 83 11.11 -12.41 31.79
C SER B 83 9.79 -12.62 32.52
N LEU B 84 9.57 -13.84 32.99
CA LEU B 84 8.40 -14.24 33.77
C LEU B 84 8.89 -15.12 34.90
N PRO B 85 8.16 -15.17 36.02
CA PRO B 85 8.60 -15.99 37.16
C PRO B 85 8.58 -17.47 36.83
N ASP B 86 9.56 -18.19 37.38
CA ASP B 86 9.66 -19.64 37.19
C ASP B 86 8.43 -20.37 37.71
N SER B 87 7.71 -19.76 38.65
CA SER B 87 6.53 -20.38 39.24
C SER B 87 5.37 -20.53 38.26
N LEU B 88 5.45 -19.97 37.05
CA LEU B 88 4.35 -20.12 36.11
C LEU B 88 4.20 -21.57 35.64
N ASP B 89 5.25 -22.37 35.83
CA ASP B 89 5.25 -23.83 35.89
C ASP B 89 3.90 -24.40 36.32
N ASN B 90 3.31 -23.78 37.34
CA ASN B 90 2.12 -24.30 38.00
C ASN B 90 0.84 -24.01 37.23
N LEU B 91 0.85 -23.11 36.26
CA LEU B 91 -0.35 -22.79 35.49
C LEU B 91 -0.54 -23.88 34.43
N LYS B 92 -0.92 -25.07 34.90
CA LYS B 92 -0.97 -26.24 34.04
C LYS B 92 -2.18 -26.25 33.10
N LYS B 93 -3.06 -25.25 33.16
CA LYS B 93 -4.19 -25.13 32.24
C LYS B 93 -4.11 -23.90 31.34
N LEU B 94 -2.99 -23.19 31.35
CA LEU B 94 -2.93 -21.93 30.62
C LEU B 94 -2.98 -22.18 29.12
N ARG B 95 -3.91 -21.50 28.43
CA ARG B 95 -4.08 -21.70 27.00
C ARG B 95 -3.58 -20.55 26.15
N MET B 96 -3.73 -19.30 26.59
CA MET B 96 -3.28 -18.15 25.83
C MET B 96 -2.36 -17.27 26.68
N LEU B 97 -1.19 -16.95 26.14
CA LEU B 97 -0.24 -16.06 26.80
C LEU B 97 0.10 -14.94 25.83
N ASP B 98 -0.13 -13.70 26.25
CA ASP B 98 -0.02 -12.54 25.37
C ASP B 98 1.11 -11.65 25.89
N LEU B 99 2.26 -11.70 25.20
CA LEU B 99 3.45 -10.97 25.61
C LEU B 99 3.84 -9.89 24.61
N ARG B 100 2.94 -9.47 23.72
CA ARG B 100 3.28 -8.45 22.73
C ARG B 100 3.75 -7.17 23.42
N HIS B 101 4.63 -6.44 22.75
CA HIS B 101 5.05 -5.09 23.15
C HIS B 101 5.61 -5.05 24.57
N ASN B 102 6.62 -5.88 24.80
CA ASN B 102 7.35 -5.83 26.06
C ASN B 102 8.84 -5.61 25.76
N LYS B 103 9.72 -6.07 26.65
CA LYS B 103 11.17 -5.89 26.45
C LYS B 103 11.91 -7.22 26.45
N LEU B 104 11.27 -8.28 25.95
CA LEU B 104 11.85 -9.61 26.02
C LEU B 104 13.05 -9.73 25.08
N ARG B 105 14.21 -10.08 25.64
CA ARG B 105 15.38 -10.40 24.81
C ARG B 105 15.42 -11.86 24.41
N GLU B 106 14.60 -12.70 25.05
CA GLU B 106 14.44 -14.10 24.70
C GLU B 106 13.05 -14.52 25.17
N ILE B 107 12.62 -15.69 24.72
CA ILE B 107 11.38 -16.22 25.30
C ILE B 107 11.68 -16.68 26.73
N PRO B 108 10.94 -16.22 27.73
CA PRO B 108 11.22 -16.64 29.12
C PRO B 108 11.27 -18.16 29.22
N SER B 109 12.26 -18.66 29.97
CA SER B 109 12.48 -20.10 29.97
C SER B 109 11.25 -20.86 30.47
N VAL B 110 10.50 -20.26 31.40
CA VAL B 110 9.30 -20.92 31.92
C VAL B 110 8.23 -21.09 30.84
N VAL B 111 8.19 -20.20 29.84
CA VAL B 111 7.17 -20.35 28.79
C VAL B 111 7.37 -21.67 28.05
N TYR B 112 8.61 -22.15 27.94
CA TYR B 112 8.87 -23.42 27.29
C TYR B 112 8.35 -24.61 28.09
N ARG B 113 7.91 -24.41 29.32
CA ARG B 113 7.34 -25.48 30.13
C ARG B 113 5.83 -25.38 30.25
N LEU B 114 5.19 -24.43 29.56
CA LEU B 114 3.73 -24.28 29.62
C LEU B 114 3.10 -25.08 28.49
N ASP B 115 3.25 -26.40 28.58
CA ASP B 115 2.89 -27.25 27.46
C ASP B 115 1.38 -27.35 27.22
N SER B 116 0.56 -26.67 28.02
CA SER B 116 -0.87 -26.57 27.73
C SER B 116 -1.20 -25.43 26.78
N LEU B 117 -0.23 -24.59 26.43
CA LEU B 117 -0.48 -23.41 25.62
C LEU B 117 -0.96 -23.77 24.21
N THR B 118 -2.03 -23.11 23.77
CA THR B 118 -2.47 -23.18 22.39
C THR B 118 -2.15 -21.92 21.60
N THR B 119 -1.98 -20.79 22.27
CA THR B 119 -1.86 -19.49 21.61
C THR B 119 -0.78 -18.69 22.33
N LEU B 120 0.23 -18.25 21.57
CA LEU B 120 1.36 -17.52 22.12
C LEU B 120 1.65 -16.31 21.23
N TYR B 121 1.47 -15.11 21.78
CA TYR B 121 1.70 -13.84 21.07
C TYR B 121 2.97 -13.17 21.59
N LEU B 122 3.91 -12.89 20.69
CA LEU B 122 5.20 -12.35 21.10
C LEU B 122 5.65 -11.16 20.26
N ARG B 123 4.77 -10.57 19.44
CA ARG B 123 5.24 -9.52 18.53
C ARG B 123 5.76 -8.32 19.31
N PHE B 124 6.67 -7.59 18.67
CA PHE B 124 7.28 -6.36 19.20
C PHE B 124 8.06 -6.63 20.50
N ASN B 125 9.01 -7.54 20.39
CA ASN B 125 10.00 -7.62 21.44
C ASN B 125 11.39 -7.55 20.82
N ARG B 126 12.39 -8.13 21.47
CA ARG B 126 13.77 -8.10 21.00
C ARG B 126 14.37 -9.50 20.93
N ILE B 127 13.53 -10.51 20.64
CA ILE B 127 13.95 -11.90 20.73
C ILE B 127 14.86 -12.24 19.55
N THR B 128 15.96 -12.95 19.83
CA THR B 128 16.85 -13.35 18.75
C THR B 128 16.83 -14.85 18.46
N THR B 129 16.49 -15.70 19.42
CA THR B 129 16.57 -17.13 19.19
C THR B 129 15.31 -17.82 19.70
N VAL B 130 15.01 -18.96 19.10
CA VAL B 130 13.96 -19.85 19.57
C VAL B 130 14.65 -21.15 19.95
N GLU B 131 14.58 -21.51 21.24
CA GLU B 131 15.31 -22.65 21.76
C GLU B 131 14.70 -23.95 21.27
N LYS B 132 15.50 -25.03 21.33
CA LYS B 132 15.01 -26.33 20.92
C LYS B 132 13.83 -26.77 21.78
N ASP B 133 13.75 -26.26 23.01
CA ASP B 133 12.66 -26.60 23.93
C ASP B 133 11.30 -26.18 23.42
N ILE B 134 11.23 -25.45 22.29
CA ILE B 134 9.95 -25.08 21.68
C ILE B 134 9.12 -26.33 21.38
N LYS B 135 9.79 -27.47 21.16
CA LYS B 135 9.09 -28.73 20.90
C LYS B 135 8.20 -29.16 22.05
N ASN B 136 8.37 -28.61 23.26
CA ASN B 136 7.51 -28.97 24.37
C ASN B 136 6.10 -28.39 24.23
N LEU B 137 5.96 -27.30 23.49
CA LEU B 137 4.66 -26.61 23.36
C LEU B 137 3.89 -27.19 22.17
N SER B 138 3.70 -28.51 22.20
CA SER B 138 3.15 -29.20 21.04
C SER B 138 1.65 -28.97 20.85
N LYS B 139 0.97 -28.33 21.80
CA LYS B 139 -0.44 -27.96 21.62
C LYS B 139 -0.62 -26.63 20.91
N LEU B 140 0.46 -25.93 20.61
CA LEU B 140 0.35 -24.63 19.96
C LEU B 140 -0.35 -24.78 18.61
N SER B 141 -1.40 -24.00 18.40
CA SER B 141 -1.97 -23.82 17.08
C SER B 141 -1.74 -22.41 16.53
N MET B 142 -1.37 -21.46 17.37
CA MET B 142 -1.07 -20.09 16.96
C MET B 142 0.23 -19.66 17.62
N LEU B 143 1.25 -19.40 16.81
CA LEU B 143 2.54 -18.92 17.30
C LEU B 143 2.91 -17.70 16.49
N SER B 144 3.03 -16.56 17.16
CA SER B 144 3.33 -15.31 16.49
C SER B 144 4.57 -14.71 17.13
N ILE B 145 5.66 -14.68 16.38
CA ILE B 145 6.91 -14.13 16.87
C ILE B 145 7.36 -13.06 15.90
N ARG B 146 6.39 -12.46 15.20
CA ARG B 146 6.66 -11.38 14.28
C ARG B 146 7.27 -10.18 14.99
N GLU B 147 8.00 -9.36 14.24
CA GLU B 147 8.59 -8.11 14.73
C GLU B 147 9.50 -8.37 15.93
N ASN B 148 10.49 -9.21 15.69
CA ASN B 148 11.55 -9.43 16.66
C ASN B 148 12.88 -9.42 15.91
N LYS B 149 13.88 -10.18 16.37
CA LYS B 149 15.21 -10.16 15.75
C LYS B 149 15.70 -11.56 15.46
N ILE B 150 14.80 -12.45 15.08
CA ILE B 150 15.12 -13.89 15.03
C ILE B 150 15.91 -14.20 13.78
N LYS B 151 17.06 -14.85 13.96
CA LYS B 151 17.94 -15.22 12.86
C LYS B 151 17.69 -16.62 12.36
N GLN B 152 17.20 -17.51 13.21
CA GLN B 152 17.10 -18.90 12.85
C GLN B 152 15.98 -19.54 13.64
N LEU B 153 15.32 -20.52 13.04
CA LEU B 153 14.40 -21.38 13.78
C LEU B 153 14.99 -22.77 13.90
N PRO B 154 14.82 -23.43 15.05
CA PRO B 154 15.41 -24.77 15.24
C PRO B 154 14.61 -25.83 14.49
N ALA B 155 15.30 -26.94 14.18
CA ALA B 155 14.61 -28.09 13.58
C ALA B 155 13.41 -28.51 14.43
N GLU B 156 13.48 -28.32 15.74
CA GLU B 156 12.41 -28.70 16.65
C GLU B 156 11.09 -28.01 16.37
N ILE B 157 11.07 -26.97 15.53
CA ILE B 157 9.79 -26.37 15.14
C ILE B 157 8.93 -27.42 14.46
N GLY B 158 9.55 -28.43 13.84
CA GLY B 158 8.85 -29.50 13.18
C GLY B 158 8.04 -30.39 14.10
N GLU B 159 8.24 -30.30 15.41
CA GLU B 159 7.44 -31.08 16.36
C GLU B 159 6.15 -30.37 16.75
N LEU B 160 5.94 -29.12 16.29
CA LEU B 160 4.69 -28.40 16.53
C LEU B 160 3.64 -28.87 15.52
N CYS B 161 3.17 -30.10 15.74
CA CYS B 161 2.31 -30.81 14.81
C CYS B 161 0.87 -30.29 14.77
N ASN B 162 0.47 -29.40 15.68
CA ASN B 162 -0.88 -28.83 15.69
C ASN B 162 -0.88 -27.38 15.21
N LEU B 163 0.25 -26.90 14.71
CA LEU B 163 0.39 -25.50 14.34
C LEU B 163 -0.48 -25.19 13.12
N ILE B 164 -1.35 -24.19 13.25
CA ILE B 164 -2.17 -23.71 12.13
C ILE B 164 -1.63 -22.40 11.57
N THR B 165 -1.23 -21.49 12.45
CA THR B 165 -0.68 -20.19 12.07
C THR B 165 0.71 -20.04 12.67
N LEU B 166 1.70 -19.76 11.82
CA LEU B 166 3.06 -19.45 12.23
C LEU B 166 3.43 -18.11 11.59
N ASP B 167 3.52 -17.07 12.41
CA ASP B 167 3.81 -15.72 11.94
C ASP B 167 5.21 -15.33 12.45
N VAL B 168 6.16 -15.23 11.53
CA VAL B 168 7.53 -14.85 11.87
C VAL B 168 7.96 -13.69 10.97
N ALA B 169 6.98 -12.91 10.49
CA ALA B 169 7.28 -11.74 9.65
C ALA B 169 8.06 -10.70 10.42
N HIS B 170 8.89 -9.93 9.70
CA HIS B 170 9.72 -8.88 10.28
C HIS B 170 10.72 -9.45 11.28
N ASN B 171 11.55 -10.36 10.77
CA ASN B 171 12.64 -10.92 11.58
C ASN B 171 13.87 -10.95 10.67
N GLN B 172 14.83 -11.83 10.97
CA GLN B 172 16.08 -11.87 10.22
C GLN B 172 16.39 -13.25 9.63
N LEU B 173 15.36 -14.04 9.33
CA LEU B 173 15.54 -15.39 8.81
C LEU B 173 16.21 -15.38 7.44
N GLU B 174 17.24 -16.21 7.29
CA GLU B 174 17.84 -16.49 5.99
C GLU B 174 17.41 -17.83 5.40
N HIS B 175 17.05 -18.79 6.25
CA HIS B 175 16.52 -20.08 5.82
C HIS B 175 15.43 -20.51 6.81
N LEU B 176 14.67 -21.52 6.40
CA LEU B 176 13.73 -22.28 7.21
C LEU B 176 14.24 -23.70 7.37
N PRO B 177 14.10 -24.31 8.54
CA PRO B 177 14.48 -25.72 8.68
C PRO B 177 13.57 -26.58 7.81
N LYS B 178 14.16 -27.61 7.18
CA LYS B 178 13.33 -28.49 6.36
C LYS B 178 12.23 -29.15 7.17
N GLU B 179 12.42 -29.26 8.49
CA GLU B 179 11.42 -29.90 9.33
C GLU B 179 10.18 -29.06 9.51
N ILE B 180 10.13 -27.82 9.00
CA ILE B 180 8.85 -27.13 8.99
C ILE B 180 7.83 -27.92 8.20
N GLY B 181 8.27 -28.79 7.29
CA GLY B 181 7.36 -29.62 6.51
C GLY B 181 6.58 -30.62 7.33
N ASN B 182 7.01 -30.88 8.56
CA ASN B 182 6.26 -31.78 9.44
C ASN B 182 5.12 -31.06 10.16
N CYS B 183 4.99 -29.75 9.96
CA CYS B 183 3.92 -28.96 10.56
C CYS B 183 2.70 -28.99 9.64
N THR B 184 2.11 -30.18 9.59
CA THR B 184 1.16 -30.56 8.55
C THR B 184 -0.11 -29.72 8.57
N GLN B 185 -0.46 -29.15 9.72
CA GLN B 185 -1.74 -28.46 9.86
C GLN B 185 -1.67 -26.99 9.46
N ILE B 186 -0.50 -26.49 9.10
CA ILE B 186 -0.33 -25.05 8.87
C ILE B 186 -1.16 -24.62 7.67
N THR B 187 -1.99 -23.59 7.87
CA THR B 187 -2.69 -22.94 6.78
C THR B 187 -2.15 -21.56 6.48
N ASN B 188 -1.53 -20.91 7.47
CA ASN B 188 -1.06 -19.53 7.35
C ASN B 188 0.39 -19.48 7.85
N LEU B 189 1.33 -19.27 6.93
CA LEU B 189 2.75 -19.15 7.24
C LEU B 189 3.23 -17.81 6.70
N ASP B 190 3.56 -16.88 7.58
CA ASP B 190 3.93 -15.53 7.17
C ASP B 190 5.42 -15.32 7.41
N LEU B 191 6.18 -15.18 6.32
CA LEU B 191 7.63 -15.01 6.37
C LEU B 191 8.07 -13.68 5.77
N GLN B 192 7.13 -12.75 5.56
CA GLN B 192 7.52 -11.53 4.85
C GLN B 192 8.44 -10.66 5.69
N HIS B 193 9.22 -9.82 5.01
CA HIS B 193 10.18 -8.92 5.63
C HIS B 193 11.18 -9.69 6.49
N ASN B 194 11.77 -10.72 5.90
CA ASN B 194 12.88 -11.38 6.57
C ASN B 194 14.13 -11.20 5.72
N GLU B 195 14.99 -12.21 5.64
CA GLU B 195 16.13 -12.13 4.75
C GLU B 195 16.30 -13.43 3.96
N LEU B 196 15.17 -14.07 3.65
CA LEU B 196 15.17 -15.46 3.22
C LEU B 196 15.87 -15.61 1.88
N LEU B 197 16.89 -16.48 1.86
CA LEU B 197 17.60 -16.82 0.63
C LEU B 197 16.88 -17.89 -0.17
N ASP B 198 16.17 -18.80 0.49
CA ASP B 198 15.47 -19.88 -0.19
C ASP B 198 14.41 -20.44 0.75
N LEU B 199 13.61 -21.37 0.23
CA LEU B 199 12.66 -22.17 0.97
C LEU B 199 13.04 -23.65 0.86
N PRO B 200 12.81 -24.44 1.91
CA PRO B 200 13.16 -25.87 1.84
C PRO B 200 12.27 -26.61 0.87
N ASP B 201 12.81 -27.68 0.29
CA ASP B 201 12.02 -28.49 -0.64
C ASP B 201 10.83 -29.12 0.03
N THR B 202 10.87 -29.28 1.36
CA THR B 202 9.78 -29.84 2.13
C THR B 202 8.58 -28.92 2.25
N ILE B 203 8.65 -27.69 1.69
CA ILE B 203 7.54 -26.76 1.88
C ILE B 203 6.27 -27.34 1.27
N GLY B 204 6.40 -28.14 0.21
CA GLY B 204 5.24 -28.79 -0.39
C GLY B 204 4.55 -29.80 0.48
N ASN B 205 5.13 -30.17 1.63
CA ASN B 205 4.42 -31.07 2.52
C ASN B 205 3.27 -30.39 3.25
N LEU B 206 3.21 -29.06 3.24
CA LEU B 206 2.16 -28.29 3.91
C LEU B 206 0.92 -28.22 3.02
N SER B 207 0.19 -29.34 2.95
CA SER B 207 -0.86 -29.45 1.94
C SER B 207 -2.07 -28.57 2.24
N SER B 208 -2.24 -28.12 3.47
CA SER B 208 -3.34 -27.22 3.81
C SER B 208 -2.95 -25.76 3.74
N LEU B 209 -1.73 -25.47 3.28
CA LEU B 209 -1.25 -24.10 3.19
C LEU B 209 -2.14 -23.26 2.30
N SER B 210 -2.74 -22.23 2.88
CA SER B 210 -3.67 -21.35 2.18
C SER B 210 -3.14 -19.94 1.98
N ARG B 211 -2.30 -19.45 2.88
CA ARG B 211 -1.69 -18.12 2.78
C ARG B 211 -0.21 -18.22 3.11
N LEU B 212 0.64 -17.74 2.20
CA LEU B 212 2.08 -17.78 2.36
C LEU B 212 2.65 -16.39 2.17
N GLY B 213 3.32 -15.87 3.21
CA GLY B 213 3.86 -14.53 3.14
C GLY B 213 5.32 -14.59 2.80
N LEU B 214 5.71 -14.06 1.62
CA LEU B 214 7.10 -14.12 1.14
C LEU B 214 7.62 -12.78 0.62
N ARG B 215 6.80 -11.76 0.48
CA ARG B 215 7.30 -10.49 -0.04
C ARG B 215 8.37 -9.92 0.89
N TYR B 216 9.31 -9.21 0.27
CA TYR B 216 10.40 -8.52 0.95
C TYR B 216 11.34 -9.51 1.65
N ASN B 217 11.93 -10.36 0.83
CA ASN B 217 13.00 -11.25 1.26
C ASN B 217 14.12 -11.21 0.23
N ARG B 218 14.90 -12.29 0.12
CA ARG B 218 16.02 -12.34 -0.81
C ARG B 218 15.97 -13.60 -1.65
N LEU B 219 14.77 -14.08 -1.94
CA LEU B 219 14.61 -15.35 -2.62
C LEU B 219 15.15 -15.24 -4.04
N SER B 220 15.94 -16.21 -4.46
CA SER B 220 16.35 -16.29 -5.86
C SER B 220 15.58 -17.34 -6.64
N ALA B 221 14.77 -18.18 -5.98
CA ALA B 221 13.98 -19.19 -6.65
C ALA B 221 12.88 -19.69 -5.71
N ILE B 222 11.87 -20.32 -6.31
CA ILE B 222 10.78 -20.98 -5.59
C ILE B 222 10.93 -22.48 -5.80
N PRO B 223 10.79 -23.30 -4.76
CA PRO B 223 10.93 -24.76 -4.97
C PRO B 223 9.76 -25.32 -5.75
N ARG B 224 10.04 -26.28 -6.64
CA ARG B 224 8.95 -26.82 -7.44
C ARG B 224 7.88 -27.50 -6.56
N SER B 225 8.27 -27.98 -5.37
CA SER B 225 7.31 -28.68 -4.53
C SER B 225 6.21 -27.78 -4.00
N LEU B 226 6.34 -26.45 -4.09
CA LEU B 226 5.25 -25.56 -3.73
C LEU B 226 4.00 -25.83 -4.58
N ALA B 227 4.18 -26.49 -5.73
CA ALA B 227 3.06 -26.95 -6.54
C ALA B 227 2.10 -27.83 -5.74
N LYS B 228 2.60 -28.51 -4.72
CA LYS B 228 1.74 -29.35 -3.89
C LYS B 228 0.85 -28.56 -2.94
N CYS B 229 1.15 -27.27 -2.71
CA CYS B 229 0.31 -26.42 -1.85
C CYS B 229 -0.84 -25.83 -2.66
N SER B 230 -1.73 -26.71 -3.11
CA SER B 230 -2.76 -26.33 -4.06
C SER B 230 -3.93 -25.57 -3.46
N ALA B 231 -3.98 -25.36 -2.15
CA ALA B 231 -5.00 -24.46 -1.60
C ALA B 231 -4.54 -23.01 -1.59
N LEU B 232 -3.33 -22.71 -2.08
CA LEU B 232 -2.86 -21.32 -2.17
C LEU B 232 -3.80 -20.48 -3.00
N GLU B 233 -4.24 -19.35 -2.44
CA GLU B 233 -5.16 -18.46 -3.14
C GLU B 233 -4.49 -17.21 -3.70
N GLU B 234 -3.33 -16.83 -3.18
CA GLU B 234 -2.52 -15.75 -3.71
C GLU B 234 -1.05 -16.17 -3.64
N LEU B 235 -0.24 -15.60 -4.51
CA LEU B 235 1.20 -15.82 -4.45
C LEU B 235 1.87 -14.46 -4.71
N ASN B 236 2.27 -13.79 -3.63
CA ASN B 236 2.85 -12.45 -3.70
C ASN B 236 4.33 -12.57 -3.34
N LEU B 237 5.18 -12.49 -4.37
CA LEU B 237 6.64 -12.60 -4.25
C LEU B 237 7.31 -11.25 -4.35
N GLU B 238 6.56 -10.16 -4.12
CA GLU B 238 7.07 -8.81 -4.34
C GLU B 238 8.38 -8.57 -3.58
N ASN B 239 9.32 -7.90 -4.25
CA ASN B 239 10.61 -7.51 -3.69
C ASN B 239 11.42 -8.72 -3.22
N ASN B 240 11.91 -9.46 -4.20
CA ASN B 240 12.84 -10.57 -4.01
C ASN B 240 13.86 -10.54 -5.14
N ASN B 241 14.54 -11.65 -5.38
CA ASN B 241 15.61 -11.71 -6.37
C ASN B 241 15.31 -12.79 -7.42
N ILE B 242 14.03 -12.92 -7.79
CA ILE B 242 13.54 -14.05 -8.55
C ILE B 242 13.52 -13.70 -10.03
N SER B 243 13.92 -14.64 -10.88
CA SER B 243 13.95 -14.41 -12.31
C SER B 243 13.25 -15.50 -13.10
N THR B 244 12.86 -16.62 -12.47
CA THR B 244 12.20 -17.73 -13.12
C THR B 244 11.23 -18.35 -12.13
N LEU B 245 10.33 -19.18 -12.65
CA LEU B 245 9.50 -20.04 -11.83
C LEU B 245 9.62 -21.47 -12.33
N PRO B 246 9.42 -22.46 -11.47
CA PRO B 246 9.36 -23.84 -11.96
C PRO B 246 8.26 -23.97 -12.99
N GLU B 247 8.59 -24.62 -14.12
CA GLU B 247 7.68 -24.72 -15.25
C GLU B 247 6.33 -25.31 -14.87
N SER B 248 6.29 -26.13 -13.82
CA SER B 248 5.08 -26.83 -13.41
C SER B 248 4.25 -26.09 -12.36
N LEU B 249 4.74 -24.95 -11.84
CA LEU B 249 4.23 -24.46 -10.56
C LEU B 249 2.83 -23.87 -10.68
N LEU B 250 2.66 -22.84 -11.52
CA LEU B 250 1.42 -22.06 -11.48
C LEU B 250 0.21 -22.87 -11.91
N SER B 251 0.35 -23.72 -12.93
CA SER B 251 -0.80 -24.53 -13.34
C SER B 251 -1.23 -25.51 -12.25
N SER B 252 -0.33 -25.87 -11.32
CA SER B 252 -0.73 -26.71 -10.21
C SER B 252 -1.56 -25.96 -9.16
N LEU B 253 -1.44 -24.63 -9.10
CA LEU B 253 -2.11 -23.82 -8.07
C LEU B 253 -3.52 -23.48 -8.56
N VAL B 254 -4.42 -24.46 -8.44
CA VAL B 254 -5.72 -24.40 -9.10
C VAL B 254 -6.72 -23.45 -8.45
N LYS B 255 -6.45 -22.96 -7.23
CA LYS B 255 -7.28 -21.92 -6.63
C LYS B 255 -6.60 -20.55 -6.63
N LEU B 256 -5.53 -20.37 -7.41
CA LEU B 256 -4.77 -19.12 -7.37
C LEU B 256 -5.58 -17.99 -8.00
N ASN B 257 -5.84 -16.94 -7.22
CA ASN B 257 -6.60 -15.78 -7.68
C ASN B 257 -5.75 -14.60 -8.13
N SER B 258 -4.51 -14.52 -7.66
CA SER B 258 -3.65 -13.41 -8.05
C SER B 258 -2.20 -13.83 -7.89
N LEU B 259 -1.35 -13.24 -8.72
CA LEU B 259 0.07 -13.53 -8.75
C LEU B 259 0.79 -12.19 -8.81
N THR B 260 1.70 -11.96 -7.88
CA THR B 260 2.50 -10.74 -7.90
C THR B 260 3.97 -11.10 -8.00
N LEU B 261 4.57 -10.71 -9.12
CA LEU B 261 5.99 -10.88 -9.36
C LEU B 261 6.73 -9.54 -9.35
N ALA B 262 6.07 -8.49 -8.84
CA ALA B 262 6.63 -7.15 -8.88
C ALA B 262 7.95 -7.05 -8.13
N ARG B 263 8.80 -6.12 -8.59
CA ARG B 263 10.07 -5.83 -7.92
C ARG B 263 10.92 -7.10 -7.77
N ASN B 264 11.18 -7.74 -8.91
CA ASN B 264 12.08 -8.89 -8.92
C ASN B 264 13.13 -8.73 -10.01
N CYS B 265 13.61 -9.83 -10.60
CA CYS B 265 14.69 -9.82 -11.57
C CYS B 265 14.24 -10.41 -12.91
N PHE B 266 12.94 -10.34 -13.21
CA PHE B 266 12.47 -11.01 -14.40
C PHE B 266 12.89 -10.25 -15.64
N GLN B 267 13.54 -10.96 -16.57
CA GLN B 267 13.79 -10.44 -17.90
C GLN B 267 12.82 -11.00 -18.93
N LEU B 268 12.20 -12.15 -18.64
CA LEU B 268 11.20 -12.76 -19.50
C LEU B 268 10.07 -13.28 -18.63
N TYR B 269 8.90 -13.47 -19.25
CA TYR B 269 7.82 -14.14 -18.54
C TYR B 269 8.30 -15.53 -18.08
N PRO B 270 7.78 -16.02 -16.96
CA PRO B 270 8.12 -17.38 -16.54
C PRO B 270 7.65 -18.42 -17.55
N VAL B 271 8.53 -19.40 -17.81
CA VAL B 271 8.20 -20.50 -18.70
C VAL B 271 7.09 -21.34 -18.10
N GLY B 272 6.20 -21.83 -18.95
CA GLY B 272 5.10 -22.65 -18.46
C GLY B 272 4.00 -22.72 -19.48
N GLY B 273 3.99 -21.76 -20.41
CA GLY B 273 2.95 -21.65 -21.41
C GLY B 273 1.72 -20.97 -20.85
N PRO B 274 0.65 -20.90 -21.66
CA PRO B 274 -0.56 -20.19 -21.20
C PRO B 274 -1.29 -20.84 -20.03
N SER B 275 -1.11 -22.15 -19.79
CA SER B 275 -1.82 -22.83 -18.72
C SER B 275 -1.50 -22.28 -17.33
N GLN B 276 -0.34 -21.66 -17.16
CA GLN B 276 -0.04 -21.10 -15.84
C GLN B 276 -0.97 -19.95 -15.46
N PHE B 277 -1.70 -19.35 -16.41
CA PHE B 277 -2.51 -18.18 -16.12
C PHE B 277 -4.02 -18.44 -16.25
N SER B 278 -4.45 -19.69 -16.15
CA SER B 278 -5.86 -19.98 -16.39
C SER B 278 -6.75 -19.66 -15.19
N THR B 279 -6.20 -19.47 -13.99
CA THR B 279 -7.08 -19.20 -12.86
C THR B 279 -6.97 -17.79 -12.28
N ILE B 280 -5.86 -17.07 -12.48
CA ILE B 280 -5.69 -15.80 -11.77
C ILE B 280 -6.58 -14.72 -12.37
N TYR B 281 -7.07 -13.83 -11.49
CA TYR B 281 -7.75 -12.61 -11.90
C TYR B 281 -6.79 -11.45 -12.14
N SER B 282 -5.62 -11.47 -11.51
CA SER B 282 -4.74 -10.32 -11.67
C SER B 282 -3.29 -10.78 -11.66
N LEU B 283 -2.50 -10.09 -12.47
CA LEU B 283 -1.09 -10.41 -12.67
C LEU B 283 -0.31 -9.11 -12.55
N ASN B 284 0.56 -9.03 -11.56
CA ASN B 284 1.28 -7.79 -11.28
C ASN B 284 2.75 -8.10 -11.48
N MET B 285 3.34 -7.54 -12.53
CA MET B 285 4.75 -7.74 -12.83
C MET B 285 5.52 -6.43 -12.87
N GLU B 286 5.03 -5.41 -12.17
CA GLU B 286 5.64 -4.09 -12.24
C GLU B 286 7.06 -4.10 -11.66
N HIS B 287 7.92 -3.21 -12.19
CA HIS B 287 9.31 -3.07 -11.73
C HIS B 287 10.14 -4.36 -11.93
N ASN B 288 10.21 -4.80 -13.18
CA ASN B 288 11.15 -5.86 -13.55
C ASN B 288 11.95 -5.35 -14.74
N ARG B 289 12.53 -6.25 -15.53
CA ARG B 289 13.22 -5.90 -16.78
C ARG B 289 12.65 -6.69 -17.96
N ILE B 290 11.34 -6.90 -17.97
CA ILE B 290 10.74 -7.76 -18.97
C ILE B 290 10.73 -7.04 -20.30
N ASN B 291 11.37 -7.64 -21.31
CA ASN B 291 11.57 -7.03 -22.61
C ASN B 291 10.53 -7.46 -23.65
N LYS B 292 9.66 -8.42 -23.34
CA LYS B 292 8.57 -8.74 -24.27
C LYS B 292 7.50 -9.56 -23.56
N ILE B 293 6.29 -9.47 -24.08
CA ILE B 293 5.17 -10.29 -23.65
C ILE B 293 5.01 -11.42 -24.65
N PRO B 294 5.01 -12.68 -24.23
CA PRO B 294 4.99 -13.78 -25.20
C PRO B 294 3.69 -13.79 -26.01
N PHE B 295 3.82 -14.15 -27.29
CA PHE B 295 2.65 -14.45 -28.09
C PHE B 295 1.85 -15.56 -27.42
N GLY B 296 0.53 -15.37 -27.37
CA GLY B 296 -0.40 -16.37 -26.86
C GLY B 296 -0.42 -16.61 -25.36
N ILE B 297 0.26 -15.81 -24.53
CA ILE B 297 0.35 -16.22 -23.12
C ILE B 297 -0.97 -16.08 -22.39
N PHE B 298 -1.88 -15.23 -22.85
CA PHE B 298 -3.17 -15.09 -22.20
C PHE B 298 -4.29 -15.84 -22.94
N SER B 299 -3.92 -16.71 -23.87
CA SER B 299 -4.90 -17.39 -24.71
C SER B 299 -5.75 -18.39 -23.93
N ARG B 300 -5.29 -18.80 -22.74
CA ARG B 300 -6.07 -19.67 -21.86
C ARG B 300 -6.42 -18.98 -20.54
N ALA B 301 -6.39 -17.65 -20.50
CA ALA B 301 -6.59 -16.89 -19.26
C ALA B 301 -8.03 -16.40 -19.21
N LYS B 302 -8.92 -17.31 -18.81
CA LYS B 302 -10.37 -17.13 -18.91
C LYS B 302 -10.94 -16.15 -17.88
N VAL B 303 -10.13 -15.70 -16.92
CA VAL B 303 -10.63 -14.98 -15.76
C VAL B 303 -9.74 -13.75 -15.51
N LEU B 304 -8.59 -13.72 -16.20
CA LEU B 304 -7.61 -12.66 -15.97
C LEU B 304 -8.16 -11.33 -16.48
N SER B 305 -8.25 -10.36 -15.60
CA SER B 305 -8.81 -9.07 -15.96
C SER B 305 -7.90 -7.89 -15.63
N LYS B 306 -6.83 -8.07 -14.85
CA LYS B 306 -5.95 -6.97 -14.48
C LYS B 306 -4.50 -7.38 -14.76
N LEU B 307 -3.80 -6.59 -15.57
CA LEU B 307 -2.41 -6.84 -15.87
C LEU B 307 -1.62 -5.55 -15.62
N ASN B 308 -0.56 -5.65 -14.83
CA ASN B 308 0.28 -4.49 -14.53
C ASN B 308 1.70 -4.80 -14.99
N MET B 309 2.14 -4.10 -16.05
CA MET B 309 3.49 -4.22 -16.58
C MET B 309 4.28 -2.93 -16.39
N LYS B 310 3.87 -2.08 -15.46
CA LYS B 310 4.55 -0.82 -15.24
C LYS B 310 6.04 -1.03 -14.97
N ASP B 311 6.87 -0.15 -15.54
CA ASP B 311 8.30 -0.10 -15.28
C ASP B 311 8.99 -1.40 -15.70
N ASN B 312 8.93 -1.67 -16.99
CA ASN B 312 9.64 -2.81 -17.57
C ASN B 312 10.43 -2.30 -18.78
N GLN B 313 10.74 -3.20 -19.71
CA GLN B 313 11.59 -2.89 -20.85
C GLN B 313 10.86 -3.17 -22.17
N LEU B 314 9.55 -2.90 -22.21
CA LEU B 314 8.76 -3.19 -23.39
C LEU B 314 9.00 -2.11 -24.46
N THR B 315 9.32 -2.55 -25.68
CA THR B 315 9.40 -1.63 -26.82
C THR B 315 8.32 -1.88 -27.85
N SER B 316 7.58 -2.98 -27.72
CA SER B 316 6.42 -3.23 -28.57
C SER B 316 5.51 -4.19 -27.83
N LEU B 317 4.39 -4.52 -28.46
CA LEU B 317 3.39 -5.39 -27.90
C LEU B 317 3.24 -6.61 -28.79
N PRO B 318 2.80 -7.75 -28.27
CA PRO B 318 2.76 -8.97 -29.08
C PRO B 318 1.75 -8.87 -30.22
N LEU B 319 1.95 -9.73 -31.20
CA LEU B 319 1.11 -9.70 -32.39
C LEU B 319 -0.34 -10.07 -32.09
N ASP B 320 -0.62 -10.72 -30.96
CA ASP B 320 -1.99 -11.03 -30.58
C ASP B 320 -2.51 -10.14 -29.46
N PHE B 321 -1.86 -8.99 -29.24
CA PHE B 321 -2.32 -7.96 -28.30
C PHE B 321 -3.82 -7.70 -28.38
N GLY B 322 -4.34 -7.59 -29.59
CA GLY B 322 -5.75 -7.28 -29.80
C GLY B 322 -6.71 -8.42 -29.51
N THR B 323 -6.22 -9.57 -29.08
CA THR B 323 -7.08 -10.69 -28.70
C THR B 323 -7.27 -10.79 -27.19
N TRP B 324 -6.79 -9.83 -26.41
CA TRP B 324 -6.99 -9.82 -24.96
C TRP B 324 -8.37 -9.24 -24.65
N THR B 325 -9.41 -9.98 -25.07
CA THR B 325 -10.77 -9.44 -25.06
C THR B 325 -11.39 -9.39 -23.67
N SER B 326 -10.79 -10.03 -22.67
CA SER B 326 -11.35 -9.97 -21.32
C SER B 326 -10.56 -9.05 -20.39
N MET B 327 -9.46 -8.46 -20.86
CA MET B 327 -8.70 -7.54 -20.02
C MET B 327 -9.53 -6.31 -19.66
N VAL B 328 -9.59 -5.99 -18.37
CA VAL B 328 -10.36 -4.86 -17.87
C VAL B 328 -9.47 -3.70 -17.47
N GLU B 329 -8.30 -3.98 -16.89
CA GLU B 329 -7.37 -2.96 -16.43
C GLU B 329 -5.98 -3.32 -16.94
N LEU B 330 -5.32 -2.38 -17.63
CA LEU B 330 -4.04 -2.65 -18.28
C LEU B 330 -3.08 -1.49 -18.00
N ASN B 331 -1.95 -1.77 -17.36
CA ASN B 331 -1.00 -0.74 -16.98
C ASN B 331 0.30 -1.04 -17.70
N LEU B 332 0.63 -0.18 -18.66
CA LEU B 332 1.86 -0.26 -19.42
C LEU B 332 2.75 0.96 -19.20
N ALA B 333 2.55 1.67 -18.08
CA ALA B 333 3.35 2.85 -17.78
C ALA B 333 4.84 2.52 -17.66
N THR B 334 5.67 3.53 -17.94
CA THR B 334 7.13 3.48 -17.78
C THR B 334 7.71 2.29 -18.56
N ASN B 335 7.44 2.30 -19.86
CA ASN B 335 8.08 1.37 -20.79
C ASN B 335 8.66 2.23 -21.91
N GLN B 336 9.02 1.59 -23.01
CA GLN B 336 9.56 2.34 -24.15
C GLN B 336 8.69 2.15 -25.38
N LEU B 337 7.37 2.15 -25.22
CA LEU B 337 6.45 1.98 -26.35
C LEU B 337 6.44 3.22 -27.22
N THR B 338 6.60 3.05 -28.54
CA THR B 338 6.54 4.18 -29.45
C THR B 338 5.23 4.28 -30.23
N LYS B 339 4.42 3.23 -30.24
CA LYS B 339 3.09 3.26 -30.85
C LYS B 339 2.16 2.35 -30.07
N ILE B 340 0.87 2.61 -30.17
CA ILE B 340 -0.15 1.65 -29.76
C ILE B 340 -0.79 1.10 -31.03
N PRO B 341 -0.78 -0.20 -31.24
CA PRO B 341 -1.29 -0.76 -32.50
C PRO B 341 -2.78 -0.47 -32.70
N GLU B 342 -3.19 -0.34 -33.97
CA GLU B 342 -4.61 -0.23 -34.28
C GLU B 342 -5.41 -1.39 -33.68
N ASP B 343 -4.77 -2.56 -33.50
CA ASP B 343 -5.43 -3.74 -32.92
C ASP B 343 -5.86 -3.54 -31.47
N VAL B 344 -5.51 -2.41 -30.84
CA VAL B 344 -6.06 -2.08 -29.53
C VAL B 344 -7.59 -2.11 -29.57
N SER B 345 -8.17 -1.88 -30.74
CA SER B 345 -9.63 -1.96 -30.90
C SER B 345 -10.21 -3.25 -30.37
N GLY B 346 -9.42 -4.33 -30.33
CA GLY B 346 -9.93 -5.62 -29.88
C GLY B 346 -10.22 -5.72 -28.39
N LEU B 347 -9.68 -4.82 -27.58
CA LEU B 347 -9.76 -4.92 -26.12
C LEU B 347 -11.08 -4.31 -25.62
N VAL B 348 -12.17 -4.98 -25.99
CA VAL B 348 -13.50 -4.39 -25.80
C VAL B 348 -13.95 -4.39 -24.35
N SER B 349 -13.26 -5.08 -23.44
CA SER B 349 -13.62 -5.05 -22.03
C SER B 349 -12.84 -4.01 -21.24
N LEU B 350 -11.90 -3.33 -21.88
CA LEU B 350 -10.99 -2.46 -21.15
C LEU B 350 -11.71 -1.28 -20.54
N GLU B 351 -11.52 -1.09 -19.23
CA GLU B 351 -12.04 0.08 -18.51
C GLU B 351 -10.96 1.03 -18.03
N VAL B 352 -9.72 0.55 -17.85
CA VAL B 352 -8.61 1.35 -17.35
C VAL B 352 -7.39 1.06 -18.21
N LEU B 353 -6.82 2.10 -18.80
CA LEU B 353 -5.65 1.96 -19.67
C LEU B 353 -4.64 3.01 -19.27
N ILE B 354 -3.53 2.58 -18.68
CA ILE B 354 -2.49 3.47 -18.17
C ILE B 354 -1.27 3.30 -19.06
N LEU B 355 -0.86 4.38 -19.70
CA LEU B 355 0.21 4.37 -20.69
C LEU B 355 1.23 5.46 -20.40
N SER B 356 1.23 5.97 -19.17
CA SER B 356 2.08 7.08 -18.77
C SER B 356 3.54 6.74 -19.01
N ASN B 357 4.33 7.76 -19.31
CA ASN B 357 5.79 7.64 -19.38
C ASN B 357 6.21 6.59 -20.40
N ASN B 358 5.67 6.71 -21.61
CA ASN B 358 6.25 6.01 -22.75
C ASN B 358 6.74 7.03 -23.76
N LEU B 359 6.80 6.66 -25.04
CA LEU B 359 7.34 7.51 -26.09
C LEU B 359 6.31 7.75 -27.19
N LEU B 360 5.04 7.88 -26.82
CA LEU B 360 3.96 7.91 -27.81
C LEU B 360 3.83 9.28 -28.43
N LYS B 361 3.72 9.33 -29.76
CA LYS B 361 3.50 10.57 -30.50
C LYS B 361 2.09 10.73 -31.02
N LYS B 362 1.38 9.63 -31.24
CA LYS B 362 0.01 9.67 -31.69
C LYS B 362 -0.70 8.42 -31.16
N LEU B 363 -2.02 8.42 -31.31
CA LEU B 363 -2.83 7.29 -30.89
C LEU B 363 -3.62 6.73 -32.06
N PRO B 364 -3.87 5.43 -32.06
CA PRO B 364 -4.59 4.81 -33.19
C PRO B 364 -6.06 5.18 -33.22
N HIS B 365 -6.63 5.19 -34.43
CA HIS B 365 -8.06 5.39 -34.56
C HIS B 365 -8.84 4.32 -33.82
N GLY B 366 -8.26 3.12 -33.67
CA GLY B 366 -8.90 2.01 -32.97
C GLY B 366 -9.14 2.24 -31.49
N LEU B 367 -8.51 3.26 -30.91
CA LEU B 367 -8.82 3.69 -29.55
C LEU B 367 -10.31 3.90 -29.35
N GLY B 368 -11.01 4.38 -30.38
CA GLY B 368 -12.42 4.67 -30.25
C GLY B 368 -13.32 3.45 -30.08
N ASN B 369 -12.83 2.24 -30.35
CA ASN B 369 -13.63 1.05 -30.13
C ASN B 369 -13.71 0.64 -28.66
N LEU B 370 -13.00 1.32 -27.76
CA LEU B 370 -12.94 0.94 -26.35
C LEU B 370 -14.17 1.51 -25.63
N ARG B 371 -15.32 0.93 -25.96
CA ARG B 371 -16.62 1.45 -25.54
C ARG B 371 -16.77 1.51 -24.02
N LYS B 372 -16.08 0.64 -23.28
CA LYS B 372 -16.18 0.63 -21.83
C LYS B 372 -15.08 1.40 -21.11
N LEU B 373 -14.21 2.09 -21.86
CA LEU B 373 -13.07 2.74 -21.21
C LEU B 373 -13.54 3.87 -20.29
N ARG B 374 -13.07 3.85 -19.04
CA ARG B 374 -13.41 4.85 -18.04
C ARG B 374 -12.24 5.75 -17.67
N GLU B 375 -11.02 5.22 -17.69
CA GLU B 375 -9.81 5.99 -17.37
C GLU B 375 -8.77 5.75 -18.45
N LEU B 376 -8.21 6.84 -18.98
CA LEU B 376 -7.14 6.83 -19.97
C LEU B 376 -6.05 7.79 -19.49
N ASP B 377 -4.88 7.27 -19.18
CA ASP B 377 -3.79 8.03 -18.59
C ASP B 377 -2.62 8.01 -19.58
N LEU B 378 -2.35 9.16 -20.18
CA LEU B 378 -1.29 9.31 -21.17
C LEU B 378 -0.23 10.31 -20.71
N GLU B 379 -0.13 10.54 -19.40
CA GLU B 379 0.82 11.53 -18.88
C GLU B 379 2.24 11.20 -19.33
N GLU B 380 3.00 12.24 -19.69
CA GLU B 380 4.43 12.12 -19.96
C GLU B 380 4.70 11.24 -21.18
N ASN B 381 4.06 11.57 -22.30
CA ASN B 381 4.45 10.99 -23.57
C ASN B 381 4.94 12.10 -24.50
N LYS B 382 4.84 11.91 -25.81
CA LYS B 382 5.25 12.97 -26.74
C LYS B 382 4.11 13.27 -27.71
N LEU B 383 2.87 13.18 -27.24
CA LEU B 383 1.71 13.25 -28.13
C LEU B 383 1.59 14.61 -28.78
N GLU B 384 1.45 14.61 -30.11
CA GLU B 384 1.23 15.83 -30.88
C GLU B 384 -0.23 16.02 -31.27
N SER B 385 -1.08 15.02 -31.11
CA SER B 385 -2.48 15.16 -31.48
C SER B 385 -3.23 14.00 -30.85
N LEU B 386 -4.55 14.12 -30.86
CA LEU B 386 -5.45 13.04 -30.51
C LEU B 386 -6.28 12.65 -31.72
N PRO B 387 -6.69 11.39 -31.84
CA PRO B 387 -7.56 10.99 -32.94
C PRO B 387 -8.99 11.47 -32.72
N ASN B 388 -9.69 11.79 -33.83
CA ASN B 388 -11.08 12.21 -33.72
C ASN B 388 -11.94 11.15 -33.04
N GLU B 389 -11.53 9.88 -33.17
CA GLU B 389 -12.25 8.75 -32.61
C GLU B 389 -12.31 8.74 -31.09
N ILE B 390 -11.60 9.64 -30.40
CA ILE B 390 -11.79 9.72 -28.95
C ILE B 390 -13.22 10.11 -28.61
N ALA B 391 -13.94 10.73 -29.56
CA ALA B 391 -15.32 11.13 -29.34
C ALA B 391 -16.21 9.95 -29.01
N TYR B 392 -15.82 8.74 -29.39
CA TYR B 392 -16.66 7.57 -29.17
C TYR B 392 -16.55 7.01 -27.76
N LEU B 393 -15.68 7.55 -26.92
CA LEU B 393 -15.43 6.96 -25.59
C LEU B 393 -16.48 7.47 -24.60
N LYS B 394 -17.71 6.97 -24.78
CA LYS B 394 -18.85 7.53 -24.04
C LYS B 394 -18.81 7.18 -22.56
N ASP B 395 -18.02 6.20 -22.15
CA ASP B 395 -17.90 5.88 -20.74
C ASP B 395 -16.71 6.59 -20.08
N LEU B 396 -15.93 7.37 -20.82
CA LEU B 396 -14.68 7.93 -20.30
C LEU B 396 -14.97 8.97 -19.20
N GLN B 397 -14.40 8.76 -18.00
CA GLN B 397 -14.56 9.71 -16.90
C GLN B 397 -13.30 10.51 -16.63
N LYS B 398 -12.12 9.93 -16.88
CA LYS B 398 -10.85 10.55 -16.52
C LYS B 398 -9.93 10.45 -17.72
N LEU B 399 -9.46 11.59 -18.19
CA LEU B 399 -8.56 11.67 -19.34
C LEU B 399 -7.35 12.49 -18.89
N VAL B 400 -6.19 11.84 -18.76
CA VAL B 400 -4.98 12.49 -18.28
C VAL B 400 -4.02 12.63 -19.46
N LEU B 401 -3.74 13.86 -19.86
CA LEU B 401 -2.88 14.17 -21.00
C LEU B 401 -1.70 15.04 -20.58
N THR B 402 -1.47 15.15 -19.27
CA THR B 402 -0.42 15.98 -18.70
C THR B 402 0.94 15.67 -19.31
N ASN B 403 1.68 16.73 -19.65
CA ASN B 403 3.08 16.62 -20.06
C ASN B 403 3.19 15.91 -21.40
N ASN B 404 2.73 16.56 -22.46
CA ASN B 404 2.78 16.07 -23.82
C ASN B 404 3.05 17.27 -24.72
N GLN B 405 2.78 17.12 -26.02
CA GLN B 405 3.08 18.17 -26.98
C GLN B 405 1.84 18.61 -27.75
N LEU B 406 0.69 18.58 -27.10
CA LEU B 406 -0.57 18.89 -27.76
C LEU B 406 -0.68 20.37 -28.02
N THR B 407 -1.15 20.74 -29.21
CA THR B 407 -1.37 22.14 -29.57
C THR B 407 -2.84 22.50 -29.74
N THR B 408 -3.66 21.57 -30.23
CA THR B 408 -5.11 21.73 -30.30
C THR B 408 -5.77 20.41 -29.97
N LEU B 409 -7.07 20.47 -29.66
CA LEU B 409 -7.80 19.26 -29.38
C LEU B 409 -8.88 19.05 -30.43
N PRO B 410 -9.28 17.82 -30.72
CA PRO B 410 -10.43 17.59 -31.60
C PRO B 410 -11.69 18.23 -31.03
N ARG B 411 -12.49 18.82 -31.93
CA ARG B 411 -13.78 19.34 -31.50
C ARG B 411 -14.66 18.24 -30.91
N GLY B 412 -14.44 17.00 -31.34
CA GLY B 412 -15.20 15.90 -30.80
C GLY B 412 -14.91 15.58 -29.35
N ILE B 413 -13.96 16.27 -28.73
CA ILE B 413 -13.74 16.08 -27.30
C ILE B 413 -15.01 16.41 -26.52
N GLY B 414 -15.83 17.32 -27.06
CA GLY B 414 -17.07 17.68 -26.41
C GLY B 414 -18.12 16.57 -26.38
N HIS B 415 -17.91 15.48 -27.12
CA HIS B 415 -18.86 14.37 -27.08
C HIS B 415 -18.61 13.41 -25.90
N LEU B 416 -17.63 13.68 -25.05
CA LEU B 416 -17.29 12.79 -23.94
C LEU B 416 -18.28 13.05 -22.80
N THR B 417 -19.45 12.42 -22.91
CA THR B 417 -20.59 12.74 -22.05
C THR B 417 -20.24 12.60 -20.58
N ASN B 418 -19.50 11.56 -20.22
CA ASN B 418 -19.28 11.22 -18.82
C ASN B 418 -17.97 11.76 -18.25
N LEU B 419 -17.24 12.58 -19.01
CA LEU B 419 -15.92 13.04 -18.58
C LEU B 419 -16.03 13.97 -17.36
N THR B 420 -15.31 13.64 -16.29
CA THR B 420 -15.27 14.50 -15.11
C THR B 420 -13.91 15.13 -14.86
N HIS B 421 -12.84 14.51 -15.33
CA HIS B 421 -11.48 14.92 -15.03
C HIS B 421 -10.71 15.01 -16.35
N LEU B 422 -10.20 16.20 -16.66
CA LEU B 422 -9.46 16.43 -17.90
C LEU B 422 -8.15 17.11 -17.54
N GLY B 423 -7.06 16.38 -17.71
CA GLY B 423 -5.75 16.89 -17.34
C GLY B 423 -4.97 17.28 -18.58
N LEU B 424 -4.75 18.59 -18.76
CA LEU B 424 -4.09 19.13 -19.94
C LEU B 424 -2.86 19.95 -19.59
N GLY B 425 -2.41 19.86 -18.34
CA GLY B 425 -1.25 20.62 -17.94
C GLY B 425 -0.01 20.20 -18.71
N GLU B 426 0.94 21.14 -18.79
CA GLU B 426 2.25 20.96 -19.43
C GLU B 426 2.10 20.51 -20.88
N ASN B 427 1.33 21.29 -21.65
CA ASN B 427 1.23 21.03 -23.07
C ASN B 427 1.55 22.29 -23.85
N LEU B 428 1.22 22.32 -25.13
CA LEU B 428 1.50 23.47 -26.00
C LEU B 428 0.21 24.05 -26.54
N LEU B 429 -0.89 23.85 -25.81
CA LEU B 429 -2.20 24.30 -26.29
C LEU B 429 -2.22 25.79 -26.61
N THR B 430 -2.72 26.11 -27.81
CA THR B 430 -3.02 27.49 -28.17
C THR B 430 -4.44 27.89 -27.80
N HIS B 431 -5.35 26.93 -27.71
CA HIS B 431 -6.72 27.24 -27.31
C HIS B 431 -7.45 25.97 -26.96
N LEU B 432 -8.57 26.13 -26.25
CA LEU B 432 -9.51 25.05 -25.99
C LEU B 432 -10.70 25.17 -26.92
N PRO B 433 -11.21 24.06 -27.42
CA PRO B 433 -12.36 24.15 -28.33
C PRO B 433 -13.56 24.68 -27.58
N GLU B 434 -14.42 25.37 -28.33
CA GLU B 434 -15.69 25.82 -27.75
C GLU B 434 -16.53 24.63 -27.30
N GLU B 435 -16.32 23.47 -27.93
CA GLU B 435 -17.06 22.26 -27.58
C GLU B 435 -16.74 21.74 -26.18
N ILE B 436 -15.77 22.33 -25.49
CA ILE B 436 -15.57 22.02 -24.08
C ILE B 436 -16.87 22.22 -23.30
N GLY B 437 -17.70 23.15 -23.77
CA GLY B 437 -18.91 23.51 -23.07
C GLY B 437 -19.97 22.43 -23.02
N THR B 438 -19.86 21.40 -23.87
CA THR B 438 -20.84 20.32 -23.82
C THR B 438 -20.41 19.18 -22.88
N LEU B 439 -19.29 19.35 -22.16
CA LEU B 439 -18.86 18.40 -21.14
C LEU B 439 -19.65 18.72 -19.87
N GLU B 440 -20.91 18.30 -19.86
CA GLU B 440 -21.82 18.67 -18.77
C GLU B 440 -21.38 18.13 -17.41
N ASN B 441 -20.58 17.08 -17.37
CA ASN B 441 -20.16 16.46 -16.12
C ASN B 441 -18.74 16.84 -15.71
N LEU B 442 -18.10 17.76 -16.44
CA LEU B 442 -16.72 18.15 -16.11
C LEU B 442 -16.64 18.77 -14.71
N GLU B 443 -15.77 18.20 -13.89
CA GLU B 443 -15.54 18.70 -12.54
C GLU B 443 -14.16 19.29 -12.32
N GLU B 444 -13.12 18.77 -12.98
CA GLU B 444 -11.75 19.20 -12.74
C GLU B 444 -11.09 19.38 -14.09
N LEU B 445 -10.47 20.54 -14.30
CA LEU B 445 -9.84 20.88 -15.58
C LEU B 445 -8.47 21.48 -15.31
N TYR B 446 -7.40 20.78 -15.69
CA TYR B 446 -6.04 21.20 -15.38
C TYR B 446 -5.38 21.75 -16.63
N LEU B 447 -5.03 23.04 -16.60
CA LEU B 447 -4.46 23.73 -17.74
C LEU B 447 -3.10 24.35 -17.45
N ASN B 448 -2.57 24.15 -16.25
CA ASN B 448 -1.34 24.83 -15.85
C ASN B 448 -0.21 24.51 -16.83
N ASP B 449 0.70 25.48 -16.97
CA ASP B 449 1.92 25.33 -17.76
C ASP B 449 1.63 25.05 -19.22
N ASN B 450 0.75 25.88 -19.78
CA ASN B 450 0.54 25.97 -21.22
C ASN B 450 0.99 27.35 -21.64
N PRO B 451 2.26 27.51 -22.04
CA PRO B 451 2.80 28.85 -22.31
C PRO B 451 2.17 29.55 -23.49
N ASN B 452 1.47 28.84 -24.38
CA ASN B 452 0.82 29.44 -25.52
C ASN B 452 -0.68 29.68 -25.33
N LEU B 453 -1.23 29.41 -24.15
CA LEU B 453 -2.68 29.48 -23.94
C LEU B 453 -3.04 30.89 -23.52
N HIS B 454 -3.59 31.65 -24.45
CA HIS B 454 -3.85 33.07 -24.24
C HIS B 454 -5.33 33.39 -24.05
N SER B 455 -6.22 32.43 -24.22
CA SER B 455 -7.63 32.71 -23.97
C SER B 455 -8.32 31.46 -23.49
N LEU B 456 -9.51 31.65 -22.95
CA LEU B 456 -10.40 30.54 -22.66
C LEU B 456 -11.76 30.88 -23.25
N PRO B 457 -12.52 29.89 -23.69
CA PRO B 457 -13.78 30.18 -24.38
C PRO B 457 -14.90 30.49 -23.40
N PHE B 458 -15.88 31.27 -23.88
CA PHE B 458 -17.05 31.56 -23.04
C PHE B 458 -17.78 30.28 -22.66
N GLU B 459 -17.72 29.27 -23.53
CA GLU B 459 -18.43 28.02 -23.34
C GLU B 459 -18.01 27.29 -22.06
N LEU B 460 -16.85 27.63 -21.49
CA LEU B 460 -16.46 26.99 -20.22
C LEU B 460 -17.47 27.30 -19.13
N ALA B 461 -18.16 28.45 -19.23
CA ALA B 461 -19.24 28.80 -18.32
C ALA B 461 -20.37 27.76 -18.29
N LEU B 462 -20.52 26.98 -19.36
CA LEU B 462 -21.58 25.97 -19.44
C LEU B 462 -21.31 24.75 -18.56
N CYS B 463 -20.07 24.56 -18.10
CA CYS B 463 -19.71 23.40 -17.27
C CYS B 463 -20.09 23.72 -15.82
N SER B 464 -21.35 23.43 -15.48
CA SER B 464 -21.91 23.87 -14.21
C SER B 464 -21.33 23.14 -13.01
N LYS B 465 -20.61 22.03 -13.21
CA LYS B 465 -20.04 21.26 -12.13
C LYS B 465 -18.55 21.48 -11.97
N LEU B 466 -17.98 22.43 -12.70
CA LEU B 466 -16.54 22.67 -12.67
C LEU B 466 -16.14 23.29 -11.34
N SER B 467 -15.36 22.54 -10.53
CA SER B 467 -14.96 23.04 -9.22
C SER B 467 -13.47 23.24 -9.06
N ILE B 468 -12.65 22.63 -9.91
CA ILE B 468 -11.21 22.82 -9.87
C ILE B 468 -10.74 23.15 -11.27
N MET B 469 -9.94 24.22 -11.40
CA MET B 469 -9.25 24.53 -12.64
C MET B 469 -7.89 25.12 -12.27
N SER B 470 -6.84 24.57 -12.83
CA SER B 470 -5.51 25.15 -12.66
C SER B 470 -5.15 25.91 -13.92
N ILE B 471 -4.59 27.11 -13.76
CA ILE B 471 -4.21 27.93 -14.92
C ILE B 471 -2.89 28.62 -14.69
N GLU B 472 -2.15 28.23 -13.66
CA GLU B 472 -0.89 28.88 -13.36
C GLU B 472 0.07 28.71 -14.52
N ASN B 473 0.87 29.75 -14.78
CA ASN B 473 1.84 29.74 -15.87
C ASN B 473 1.18 29.54 -17.23
N CYS B 474 0.02 30.16 -17.41
CA CYS B 474 -0.60 30.37 -18.71
C CYS B 474 -0.75 31.88 -18.87
N PRO B 475 -0.31 32.46 -19.98
CA PRO B 475 -0.34 33.92 -20.09
C PRO B 475 -1.77 34.48 -20.08
N LEU B 476 -2.70 33.84 -20.79
CA LEU B 476 -4.11 34.23 -20.77
C LEU B 476 -4.28 35.72 -21.05
N SER B 477 -3.48 36.24 -21.99
CA SER B 477 -3.44 37.68 -22.20
C SER B 477 -4.69 38.21 -22.90
N HIS B 478 -5.52 37.35 -23.47
CA HIS B 478 -6.81 37.78 -24.02
C HIS B 478 -7.87 37.97 -22.95
N LEU B 479 -7.56 37.67 -21.71
CA LEU B 479 -8.40 37.94 -20.54
C LEU B 479 -7.85 39.12 -19.74
N PRO B 480 -8.70 39.88 -19.05
CA PRO B 480 -8.22 41.08 -18.36
C PRO B 480 -7.17 40.74 -17.32
N PRO B 481 -6.09 41.52 -17.24
CA PRO B 481 -5.00 41.21 -16.29
C PRO B 481 -5.44 40.98 -14.85
N GLN B 482 -6.30 41.86 -14.32
CA GLN B 482 -6.75 41.71 -12.95
C GLN B 482 -7.64 40.48 -12.77
N ILE B 483 -8.37 40.11 -13.81
CA ILE B 483 -9.15 38.87 -13.76
C ILE B 483 -8.23 37.67 -13.66
N VAL B 484 -7.21 37.62 -14.53
CA VAL B 484 -6.28 36.50 -14.49
C VAL B 484 -5.56 36.45 -13.15
N ALA B 485 -5.17 37.62 -12.63
CA ALA B 485 -4.50 37.66 -11.33
C ALA B 485 -5.41 37.16 -10.22
N GLY B 486 -6.73 37.30 -10.40
CA GLY B 486 -7.67 36.79 -9.41
C GLY B 486 -7.69 35.29 -9.31
N GLY B 487 -7.45 34.60 -10.42
CA GLY B 487 -7.41 33.16 -10.40
C GLY B 487 -8.65 32.51 -10.99
N PRO B 488 -8.68 31.18 -10.98
CA PRO B 488 -9.73 30.45 -11.67
C PRO B 488 -11.15 30.87 -11.32
N SER B 489 -11.42 31.08 -10.03
CA SER B 489 -12.74 31.54 -9.59
C SER B 489 -13.16 32.82 -10.32
N PHE B 490 -12.26 33.81 -10.36
CA PHE B 490 -12.58 35.07 -11.02
C PHE B 490 -12.74 34.90 -12.53
N ILE B 491 -11.93 34.03 -13.12
CA ILE B 491 -11.99 33.82 -14.57
C ILE B 491 -13.32 33.19 -14.97
N ILE B 492 -13.74 32.13 -14.26
CA ILE B 492 -15.02 31.50 -14.58
C ILE B 492 -16.17 32.48 -14.39
N GLN B 493 -16.15 33.23 -13.28
CA GLN B 493 -17.18 34.24 -13.07
C GLN B 493 -17.19 35.26 -14.19
N PHE B 494 -16.00 35.72 -14.59
CA PHE B 494 -15.91 36.67 -15.70
C PHE B 494 -16.49 36.09 -16.98
N LEU B 495 -16.19 34.82 -17.28
CA LEU B 495 -16.71 34.22 -18.51
C LEU B 495 -18.23 34.07 -18.46
N LYS B 496 -18.77 33.74 -17.28
CA LYS B 496 -20.22 33.67 -17.12
C LYS B 496 -20.87 35.03 -17.37
N MET B 497 -20.36 36.07 -16.73
CA MET B 497 -21.01 37.37 -16.75
C MET B 497 -20.90 38.05 -18.10
N GLN B 498 -19.78 37.86 -18.80
CA GLN B 498 -19.54 38.59 -20.03
C GLN B 498 -19.90 37.80 -21.29
N GLY B 499 -20.19 36.51 -21.18
CA GLY B 499 -20.51 35.70 -22.33
C GLY B 499 -21.99 35.67 -22.62
N PRO B 500 -22.40 34.90 -23.62
CA PRO B 500 -23.81 34.91 -24.06
C PRO B 500 -24.69 33.86 -23.40
N TYR B 501 -24.26 33.20 -22.32
CA TYR B 501 -24.92 31.96 -21.90
C TYR B 501 -25.68 32.07 -20.58
N ARG B 502 -25.93 33.29 -20.09
CA ARG B 502 -26.77 33.45 -18.90
C ARG B 502 -28.15 32.85 -19.16
N ALA B 503 -28.60 31.99 -18.24
CA ALA B 503 -29.87 31.30 -18.47
C ALA B 503 -31.05 32.26 -18.43
N MET B 504 -31.04 33.22 -17.51
CA MET B 504 -32.19 34.11 -17.39
C MET B 504 -31.85 35.53 -17.80
MG MG C . 14.35 -6.41 8.34
#